data_3O3B
#
_entry.id   3O3B
#
_cell.length_a   58.125
_cell.length_b   84.254
_cell.length_c   83.946
_cell.angle_alpha   90.000
_cell.angle_beta   89.950
_cell.angle_gamma   90.000
#
_symmetry.space_group_name_H-M   'P 1 21 1'
#
loop_
_entity.id
_entity.type
_entity.pdbx_description
1 polymer 'HLA class I histocompatibility antigen, A-2 alpha chain'
2 polymer Beta-2-microglobulin
3 polymer 'Peptidomimetic ELA-1.1'
4 non-polymer GLYCEROL
5 water water
#
loop_
_entity_poly.entity_id
_entity_poly.type
_entity_poly.pdbx_seq_one_letter_code
_entity_poly.pdbx_strand_id
1 'polypeptide(L)'
;GSHSMRYFFTSVSRPGRGEPRFIAVGYVDDTQFVRFDSDAASQRMEPRAPWIEQEGPEYWDGETRKVKAHSQTHRVDLGT
LRGYYNQSEAGSHTVQRMYGCDVGSDWRFLRGYHQYAYDGKDYIALKEDLRSWTAADMAAQTTKHKWEAAHVAEQLRAYL
EGTCVEWLRRYLENGKETLQRTDAPKTHMTHHAVSDHEATLRCWALSFYPAEITLTWQRDGEDQTQDTELVETRPAGDGT
FQKWAAVVVPSGQEQRYTCHVQHEGLPKPLTLRWE
;
A,D
2 'polypeptide(L)'
;MIQRTPKIQVYSRHPAENGKSNFLNCYVSGFHPSDIEVDLLKNGERIEKVEHSDLSFSKDWSFYLLYYTEFTPTEKDEYA
CRVNHVTLSQPKIVKWDRDM
;
B,E
3 'polypeptide(L)' ELA(GIC)(3AZ)LTV C,F
#
loop_
_chem_comp.id
_chem_comp.type
_chem_comp.name
_chem_comp.formula
3AZ peptide-like '3-(aminomethyl)benzoic acid' 'C8 H9 N O2'
GIC peptide-like N-(2-aminoethyl)-N-(1H-indol-3-ylacetyl)glycine 'C14 H17 N3 O3'
GOL non-polymer GLYCEROL 'C3 H8 O3'
#
# COMPACT_ATOMS: atom_id res chain seq x y z
N GLY A 1 -3.09 9.19 -15.01
CA GLY A 1 -3.56 8.96 -13.65
C GLY A 1 -4.28 7.64 -13.68
N SER A 2 -4.54 7.13 -12.49
CA SER A 2 -5.25 5.89 -12.30
CA SER A 2 -5.26 5.89 -12.34
C SER A 2 -6.75 6.20 -12.31
N HIS A 3 -7.59 5.18 -12.59
CA HIS A 3 -9.05 5.36 -12.70
C HIS A 3 -9.89 4.25 -12.02
N SER A 4 -11.14 4.56 -11.74
CA SER A 4 -12.01 3.59 -11.12
C SER A 4 -13.46 3.64 -11.64
N MET A 5 -14.14 2.50 -11.64
CA MET A 5 -15.59 2.50 -11.81
C MET A 5 -16.18 1.82 -10.61
N ARG A 6 -17.17 2.44 -9.98
CA ARG A 6 -17.80 1.87 -8.82
C ARG A 6 -19.30 2.14 -8.87
N TYR A 7 -20.07 1.14 -8.44
CA TYR A 7 -21.52 1.20 -8.33
C TYR A 7 -21.85 1.09 -6.85
N PHE A 8 -22.81 1.87 -6.39
CA PHE A 8 -23.13 1.92 -4.95
C PHE A 8 -24.63 1.70 -4.83
N PHE A 9 -25.05 0.87 -3.86
CA PHE A 9 -26.44 0.49 -3.69
C PHE A 9 -26.82 0.62 -2.24
N THR A 10 -27.96 1.23 -2.01
CA THR A 10 -28.46 1.40 -0.68
C THR A 10 -29.92 0.97 -0.67
N SER A 11 -30.26 0.03 0.21
CA SER A 11 -31.66 -0.32 0.39
C SER A 11 -32.06 -0.17 1.83
N VAL A 12 -33.19 0.47 2.06
CA VAL A 12 -33.58 0.78 3.41
C VAL A 12 -34.99 0.30 3.63
N SER A 13 -35.17 -0.57 4.61
CA SER A 13 -36.51 -1.05 4.93
C SER A 13 -37.32 0.03 5.64
N ARG A 14 -38.63 -0.09 5.49
CA ARG A 14 -39.55 0.89 5.96
C ARG A 14 -40.74 0.12 6.53
N PRO A 15 -40.67 -0.32 7.80
CA PRO A 15 -41.74 -1.11 8.46
C PRO A 15 -43.14 -0.51 8.33
N GLY A 16 -44.01 -1.23 7.63
CA GLY A 16 -45.41 -0.85 7.44
C GLY A 16 -45.71 0.38 6.59
N ARG A 17 -44.73 0.85 5.85
CA ARG A 17 -44.89 1.93 4.91
C ARG A 17 -44.51 1.43 3.52
N GLY A 18 -44.86 0.19 3.21
CA GLY A 18 -44.57 -0.39 1.88
C GLY A 18 -43.17 -0.97 1.75
N GLU A 19 -42.70 -1.05 0.51
CA GLU A 19 -41.47 -1.75 0.17
C GLU A 19 -40.20 -0.91 0.46
N PRO A 20 -39.01 -1.54 0.57
CA PRO A 20 -37.76 -0.82 0.84
C PRO A 20 -37.38 0.20 -0.20
N ARG A 21 -36.86 1.34 0.25
CA ARG A 21 -36.35 2.37 -0.67
C ARG A 21 -35.02 1.89 -1.19
N PHE A 22 -34.82 1.86 -2.51
CA PHE A 22 -33.58 1.42 -3.11
C PHE A 22 -33.00 2.55 -3.99
N ILE A 23 -31.74 2.90 -3.77
CA ILE A 23 -31.07 3.95 -4.57
C ILE A 23 -29.77 3.36 -5.09
N ALA A 24 -29.54 3.44 -6.39
CA ALA A 24 -28.30 3.03 -6.96
C ALA A 24 -27.65 4.16 -7.69
N VAL A 25 -26.30 4.25 -7.58
CA VAL A 25 -25.54 5.20 -8.37
C VAL A 25 -24.25 4.58 -8.91
N GLY A 26 -23.79 5.08 -10.03
CA GLY A 26 -22.54 4.62 -10.60
C GLY A 26 -21.64 5.83 -10.80
N TYR A 27 -20.33 5.63 -10.58
CA TYR A 27 -19.33 6.65 -10.72
C TYR A 27 -18.20 6.11 -11.53
N VAL A 28 -17.60 7.01 -12.32
CA VAL A 28 -16.27 6.87 -12.84
C VAL A 28 -15.40 7.90 -12.12
N ASP A 29 -14.43 7.43 -11.33
CA ASP A 29 -13.61 8.27 -10.44
C ASP A 29 -14.59 9.05 -9.55
N ASP A 30 -14.50 10.37 -9.54
CA ASP A 30 -15.43 11.21 -8.75
C ASP A 30 -16.56 11.84 -9.53
N THR A 31 -16.89 11.26 -10.68
CA THR A 31 -17.92 11.78 -11.56
C THR A 31 -19.07 10.77 -11.64
N GLN A 32 -20.25 11.15 -11.14
CA GLN A 32 -21.42 10.22 -11.17
C GLN A 32 -21.96 10.22 -12.59
N PHE A 33 -22.38 9.05 -13.08
CA PHE A 33 -22.91 8.95 -14.43
C PHE A 33 -24.29 8.29 -14.58
N VAL A 34 -24.71 7.51 -13.60
CA VAL A 34 -26.08 6.95 -13.61
C VAL A 34 -26.73 7.03 -12.20
N ARG A 35 -28.05 7.09 -12.17
CA ARG A 35 -28.79 6.83 -10.90
C ARG A 35 -30.02 5.95 -11.16
N PHE A 36 -30.43 5.20 -10.15
CA PHE A 36 -31.79 4.65 -10.12
C PHE A 36 -32.42 4.96 -8.74
N ASP A 37 -33.68 5.43 -8.69
CA ASP A 37 -34.35 5.60 -7.37
C ASP A 37 -35.65 4.83 -7.46
N SER A 38 -35.83 3.84 -6.56
CA SER A 38 -37.07 3.03 -6.52
C SER A 38 -38.34 3.84 -6.25
N ASP A 39 -38.22 5.02 -5.65
CA ASP A 39 -39.41 5.84 -5.43
C ASP A 39 -39.78 6.76 -6.59
N ALA A 40 -38.92 6.90 -7.59
CA ALA A 40 -39.22 7.90 -8.65
C ALA A 40 -40.26 7.36 -9.62
N ALA A 41 -40.90 8.27 -10.37
CA ALA A 41 -41.96 7.96 -11.33
C ALA A 41 -41.46 7.17 -12.53
N SER A 42 -40.23 7.45 -12.96
CA SER A 42 -39.73 6.94 -14.25
C SER A 42 -39.51 5.45 -14.24
N GLN A 43 -39.05 4.92 -13.09
CA GLN A 43 -38.65 3.53 -12.96
C GLN A 43 -37.55 3.14 -13.94
N ARG A 44 -36.65 4.08 -14.24
CA ARG A 44 -35.65 3.84 -15.27
C ARG A 44 -34.30 4.14 -14.72
N MET A 45 -33.27 3.41 -15.18
CA MET A 45 -31.93 3.87 -14.99
C MET A 45 -31.75 5.19 -15.78
N GLU A 46 -31.24 6.21 -15.10
CA GLU A 46 -31.16 7.55 -15.69
C GLU A 46 -29.74 8.08 -15.83
N PRO A 47 -29.47 8.85 -16.92
CA PRO A 47 -28.15 9.46 -17.13
C PRO A 47 -27.91 10.59 -16.17
N ARG A 48 -26.69 10.68 -15.61
CA ARG A 48 -26.34 11.84 -14.76
C ARG A 48 -25.00 12.51 -15.17
N ALA A 49 -24.48 12.18 -16.36
CA ALA A 49 -23.31 12.79 -16.93
C ALA A 49 -23.61 12.97 -18.42
N PRO A 50 -23.13 14.06 -19.07
CA PRO A 50 -23.52 14.24 -20.51
C PRO A 50 -22.99 13.15 -21.46
N TRP A 51 -21.81 12.61 -21.17
CA TRP A 51 -21.16 11.67 -22.06
C TRP A 51 -21.75 10.26 -21.96
N ILE A 52 -22.63 10.00 -20.98
CA ILE A 52 -23.37 8.72 -20.96
C ILE A 52 -24.64 8.74 -21.83
N GLU A 53 -25.12 9.96 -22.14
CA GLU A 53 -26.44 10.14 -22.82
C GLU A 53 -26.46 9.54 -24.22
N GLN A 54 -25.30 9.45 -24.87
CA GLN A 54 -25.17 8.87 -26.19
C GLN A 54 -25.41 7.37 -26.26
N GLU A 55 -25.36 6.69 -25.12
CA GLU A 55 -25.62 5.25 -25.10
C GLU A 55 -27.04 5.00 -25.57
N GLY A 56 -27.19 3.96 -26.37
CA GLY A 56 -28.41 3.74 -27.15
C GLY A 56 -29.46 3.03 -26.30
N PRO A 57 -30.62 2.70 -26.92
CA PRO A 57 -31.73 2.19 -26.11
C PRO A 57 -31.47 0.82 -25.44
N GLU A 58 -30.62 -0.03 -26.03
CA GLU A 58 -30.26 -1.34 -25.48
C GLU A 58 -29.63 -1.19 -24.14
N TYR A 59 -28.74 -0.21 -24.04
CA TYR A 59 -28.05 0.11 -22.81
C TYR A 59 -28.99 0.53 -21.75
N TRP A 60 -29.80 1.55 -22.02
CA TRP A 60 -30.74 2.00 -20.99
C TRP A 60 -31.68 0.90 -20.55
N ASP A 61 -32.18 0.12 -21.50
CA ASP A 61 -33.05 -1.03 -21.19
C ASP A 61 -32.37 -2.07 -20.34
N GLY A 62 -31.15 -2.47 -20.72
CA GLY A 62 -30.35 -3.44 -19.95
C GLY A 62 -29.99 -2.94 -18.55
N GLU A 63 -29.65 -1.66 -18.43
CA GLU A 63 -29.25 -1.18 -17.11
C GLU A 63 -30.48 -1.04 -16.22
N THR A 64 -31.64 -0.73 -16.81
CA THR A 64 -32.88 -0.63 -16.06
C THR A 64 -33.24 -2.04 -15.56
N ARG A 65 -33.13 -3.01 -16.46
CA ARG A 65 -33.45 -4.39 -16.07
C ARG A 65 -32.52 -4.88 -14.96
N LYS A 66 -31.21 -4.67 -15.12
CA LYS A 66 -30.27 -5.17 -14.12
C LYS A 66 -30.40 -4.45 -12.80
N VAL A 67 -30.59 -3.13 -12.86
CA VAL A 67 -30.71 -2.36 -11.63
C VAL A 67 -31.89 -2.80 -10.80
N LYS A 68 -33.01 -3.09 -11.46
CA LYS A 68 -34.23 -3.61 -10.80
C LYS A 68 -33.97 -4.97 -10.16
N ALA A 69 -33.14 -5.76 -10.83
CA ALA A 69 -32.78 -7.09 -10.30
C ALA A 69 -31.89 -6.98 -9.09
N HIS A 70 -30.96 -6.01 -9.10
CA HIS A 70 -30.17 -5.65 -7.90
C HIS A 70 -31.12 -5.23 -6.74
N SER A 71 -32.13 -4.44 -7.06
CA SER A 71 -33.13 -3.99 -6.04
C SER A 71 -33.91 -5.13 -5.42
N GLN A 72 -34.27 -6.12 -6.23
CA GLN A 72 -35.11 -7.19 -5.70
C GLN A 72 -34.30 -8.10 -4.79
N THR A 73 -33.08 -8.32 -5.19
CA THR A 73 -32.10 -9.05 -4.43
C THR A 73 -31.80 -8.43 -3.03
N HIS A 74 -31.65 -7.09 -2.96
CA HIS A 74 -31.61 -6.38 -1.69
C HIS A 74 -32.92 -6.48 -0.88
N ARG A 75 -34.10 -6.51 -1.50
CA ARG A 75 -35.36 -6.70 -0.75
C ARG A 75 -35.37 -8.05 0.01
N VAL A 76 -34.88 -9.08 -0.68
CA VAL A 76 -34.70 -10.41 -0.07
C VAL A 76 -33.66 -10.37 1.04
N ASP A 77 -32.52 -9.72 0.76
CA ASP A 77 -31.45 -9.58 1.75
C ASP A 77 -31.96 -9.00 3.06
N LEU A 78 -32.81 -7.96 2.99
CA LEU A 78 -33.33 -7.33 4.21
C LEU A 78 -34.12 -8.31 5.10
N GLY A 79 -35.00 -9.09 4.47
CA GLY A 79 -35.70 -10.20 5.12
C GLY A 79 -34.74 -11.22 5.75
N THR A 80 -33.74 -11.64 4.99
CA THR A 80 -32.81 -12.70 5.40
C THR A 80 -31.95 -12.23 6.59
N LEU A 81 -31.45 -10.98 6.50
CA LEU A 81 -30.68 -10.32 7.54
C LEU A 81 -31.46 -10.14 8.83
N ARG A 82 -32.74 -9.75 8.76
CA ARG A 82 -33.53 -9.69 9.96
C ARG A 82 -33.64 -11.08 10.65
N GLY A 83 -33.72 -12.15 9.85
CA GLY A 83 -33.74 -13.54 10.41
C GLY A 83 -32.38 -13.95 10.96
N TYR A 84 -31.29 -13.65 10.24
CA TYR A 84 -29.94 -13.99 10.79
C TYR A 84 -29.69 -13.32 12.15
N TYR A 85 -30.06 -12.05 12.26
CA TYR A 85 -29.81 -11.32 13.51
C TYR A 85 -30.94 -11.39 14.55
N ASN A 86 -31.98 -12.20 14.29
CA ASN A 86 -33.19 -12.23 15.16
CA ASN A 86 -33.22 -12.23 15.13
C ASN A 86 -33.81 -10.83 15.43
N GLN A 87 -33.93 -10.02 14.37
CA GLN A 87 -34.49 -8.67 14.51
C GLN A 87 -36.00 -8.60 14.33
N SER A 88 -36.65 -7.65 14.96
CA SER A 88 -38.09 -7.53 14.82
C SER A 88 -38.48 -6.78 13.54
N GLU A 89 -39.78 -6.82 13.25
CA GLU A 89 -40.38 -6.13 12.12
C GLU A 89 -40.45 -4.62 12.36
N ALA A 90 -40.26 -4.20 13.62
CA ALA A 90 -40.56 -2.85 14.14
C ALA A 90 -39.53 -1.73 13.86
N GLY A 91 -38.43 -2.13 13.22
CA GLY A 91 -37.28 -1.23 13.07
C GLY A 91 -36.82 -1.16 11.64
N SER A 92 -36.38 0.01 11.21
CA SER A 92 -35.79 0.18 9.86
C SER A 92 -34.33 -0.33 9.85
N HIS A 93 -33.89 -1.01 8.78
CA HIS A 93 -32.52 -1.43 8.60
C HIS A 93 -31.99 -1.13 7.21
N THR A 94 -30.65 -1.17 7.07
CA THR A 94 -29.96 -0.70 5.87
C THR A 94 -28.98 -1.75 5.35
N VAL A 95 -29.10 -2.12 4.07
CA VAL A 95 -28.08 -2.93 3.40
C VAL A 95 -27.43 -2.02 2.37
N GLN A 96 -26.11 -2.14 2.31
CA GLN A 96 -25.32 -1.41 1.33
C GLN A 96 -24.41 -2.34 0.65
N ARG A 97 -24.17 -2.08 -0.64
CA ARG A 97 -23.30 -2.92 -1.44
C ARG A 97 -22.52 -1.99 -2.36
N MET A 98 -21.25 -2.29 -2.58
CA MET A 98 -20.47 -1.52 -3.47
C MET A 98 -19.63 -2.51 -4.25
N TYR A 99 -19.48 -2.31 -5.55
CA TYR A 99 -18.53 -3.10 -6.30
C TYR A 99 -17.95 -2.28 -7.43
N GLY A 100 -16.81 -2.75 -7.93
CA GLY A 100 -16.25 -2.26 -9.17
C GLY A 100 -14.75 -2.52 -9.23
N CYS A 101 -14.07 -1.74 -10.06
CA CYS A 101 -12.67 -2.01 -10.35
C CYS A 101 -11.81 -0.74 -10.49
N ASP A 102 -10.50 -0.90 -10.26
CA ASP A 102 -9.50 0.14 -10.41
C ASP A 102 -8.59 -0.26 -11.57
N VAL A 103 -8.20 0.73 -12.38
CA VAL A 103 -7.16 0.51 -13.35
C VAL A 103 -6.01 1.47 -13.12
N GLY A 104 -4.84 1.12 -13.65
CA GLY A 104 -3.68 1.98 -13.44
C GLY A 104 -3.61 3.05 -14.52
N SER A 105 -2.48 3.75 -14.58
CA SER A 105 -2.26 4.78 -15.60
CA SER A 105 -2.27 4.79 -15.60
C SER A 105 -2.35 4.26 -17.04
N ASP A 106 -2.01 2.99 -17.24
CA ASP A 106 -2.03 2.30 -18.54
C ASP A 106 -3.37 1.59 -18.82
N TRP A 107 -4.35 1.85 -17.96
CA TRP A 107 -5.74 1.32 -18.02
C TRP A 107 -5.88 -0.21 -17.88
N ARG A 108 -4.80 -0.85 -17.46
CA ARG A 108 -4.83 -2.25 -17.11
C ARG A 108 -5.42 -2.45 -15.72
N PHE A 109 -6.08 -3.59 -15.51
CA PHE A 109 -6.61 -3.99 -14.20
C PHE A 109 -5.59 -3.93 -13.05
N LEU A 110 -6.01 -3.28 -11.97
CA LEU A 110 -5.21 -3.15 -10.78
C LEU A 110 -5.88 -3.97 -9.68
N ARG A 111 -7.16 -3.71 -9.43
CA ARG A 111 -7.86 -4.27 -8.28
C ARG A 111 -9.36 -4.38 -8.54
N GLY A 112 -10.00 -5.40 -7.96
CA GLY A 112 -11.47 -5.50 -7.94
C GLY A 112 -11.99 -5.58 -6.52
N TYR A 113 -13.27 -5.22 -6.34
CA TYR A 113 -13.87 -5.10 -5.01
C TYR A 113 -15.34 -5.43 -5.09
N HIS A 114 -15.88 -6.04 -4.04
CA HIS A 114 -17.30 -6.39 -3.96
C HIS A 114 -17.63 -6.59 -2.47
N GLN A 115 -18.34 -5.63 -1.86
CA GLN A 115 -18.39 -5.45 -0.41
C GLN A 115 -19.81 -5.22 -0.08
N TYR A 116 -20.25 -5.78 1.04
CA TYR A 116 -21.58 -5.48 1.63
C TYR A 116 -21.46 -5.00 3.08
N ALA A 117 -22.39 -4.13 3.45
CA ALA A 117 -22.56 -3.74 4.83
C ALA A 117 -23.99 -3.92 5.26
N TYR A 118 -24.19 -4.20 6.56
CA TYR A 118 -25.55 -4.17 7.15
C TYR A 118 -25.55 -3.23 8.35
N ASP A 119 -26.51 -2.30 8.39
CA ASP A 119 -26.65 -1.29 9.45
C ASP A 119 -25.35 -0.53 9.74
N GLY A 120 -24.62 -0.25 8.66
CA GLY A 120 -23.43 0.62 8.70
C GLY A 120 -22.11 -0.06 8.99
N LYS A 121 -22.15 -1.38 9.12
CA LYS A 121 -20.98 -2.14 9.58
C LYS A 121 -20.58 -3.10 8.47
N ASP A 122 -19.29 -3.36 8.23
CA ASP A 122 -18.87 -4.43 7.32
C ASP A 122 -19.62 -5.73 7.59
N TYR A 123 -20.14 -6.32 6.51
CA TYR A 123 -20.85 -7.61 6.56
C TYR A 123 -19.98 -8.68 5.88
N ILE A 124 -19.89 -8.64 4.54
CA ILE A 124 -18.96 -9.55 3.84
C ILE A 124 -18.25 -8.85 2.66
N ALA A 125 -16.98 -9.17 2.43
CA ALA A 125 -16.27 -8.53 1.36
C ALA A 125 -15.48 -9.58 0.56
N LEU A 126 -15.45 -9.43 -0.76
CA LEU A 126 -14.54 -10.22 -1.58
C LEU A 126 -13.13 -9.79 -1.28
N LYS A 127 -12.24 -10.76 -1.04
CA LYS A 127 -10.84 -10.46 -0.76
C LYS A 127 -10.09 -10.09 -2.04
N GLU A 128 -8.84 -9.63 -1.88
CA GLU A 128 -8.02 -9.16 -3.00
C GLU A 128 -7.78 -10.20 -4.13
N ASP A 129 -7.70 -11.48 -3.76
CA ASP A 129 -7.53 -12.53 -4.77
C ASP A 129 -8.76 -12.79 -5.67
N LEU A 130 -9.92 -12.22 -5.30
CA LEU A 130 -11.23 -12.38 -6.00
C LEU A 130 -11.71 -13.85 -5.94
N ARG A 131 -11.19 -14.61 -4.98
CA ARG A 131 -11.44 -16.07 -4.87
C ARG A 131 -11.96 -16.41 -3.46
N SER A 132 -11.94 -15.43 -2.57
CA SER A 132 -12.19 -15.69 -1.16
C SER A 132 -12.91 -14.57 -0.45
N TRP A 133 -13.40 -14.87 0.75
CA TRP A 133 -14.30 -13.96 1.42
C TRP A 133 -13.81 -13.63 2.80
N THR A 134 -13.95 -12.36 3.20
CA THR A 134 -13.77 -11.91 4.60
C THR A 134 -15.17 -11.71 5.16
N ALA A 135 -15.51 -12.45 6.21
CA ALA A 135 -16.87 -12.34 6.79
C ALA A 135 -16.68 -11.83 8.17
N ALA A 136 -17.39 -10.76 8.51
CA ALA A 136 -17.05 -9.94 9.65
C ALA A 136 -17.69 -10.33 11.01
N ASP A 137 -18.63 -11.29 11.02
CA ASP A 137 -19.36 -11.79 12.20
C ASP A 137 -19.94 -13.18 11.88
N MET A 138 -20.63 -13.82 12.82
CA MET A 138 -21.11 -15.18 12.60
C MET A 138 -22.21 -15.25 11.54
N ALA A 139 -23.09 -14.25 11.51
CA ALA A 139 -24.13 -14.25 10.45
C ALA A 139 -23.51 -14.23 9.08
N ALA A 140 -22.49 -13.41 8.90
CA ALA A 140 -21.88 -13.29 7.60
C ALA A 140 -21.10 -14.52 7.25
N GLN A 141 -20.75 -15.34 8.24
CA GLN A 141 -20.18 -16.67 7.95
C GLN A 141 -21.18 -17.60 7.27
N THR A 142 -22.46 -17.48 7.62
CA THR A 142 -23.54 -18.24 7.02
C THR A 142 -23.68 -17.85 5.53
N THR A 143 -23.63 -16.55 5.26
CA THR A 143 -23.54 -16.06 3.89
C THR A 143 -22.26 -16.58 3.16
N LYS A 144 -21.13 -16.59 3.84
CA LYS A 144 -19.91 -17.08 3.19
C LYS A 144 -20.01 -18.55 2.80
N HIS A 145 -20.62 -19.37 3.69
CA HIS A 145 -20.82 -20.82 3.39
C HIS A 145 -21.66 -20.99 2.12
N LYS A 146 -22.75 -20.24 2.04
CA LYS A 146 -23.69 -20.28 0.91
C LYS A 146 -23.05 -19.81 -0.37
N TRP A 147 -22.28 -18.71 -0.26
CA TRP A 147 -21.57 -18.18 -1.44
C TRP A 147 -20.40 -19.04 -1.92
N GLU A 148 -19.73 -19.75 -1.01
CA GLU A 148 -18.72 -20.69 -1.46
C GLU A 148 -19.32 -21.90 -2.18
N ALA A 149 -20.38 -22.48 -1.62
CA ALA A 149 -21.04 -23.65 -2.20
C ALA A 149 -21.61 -23.29 -3.60
N ALA A 150 -21.98 -22.03 -3.82
CA ALA A 150 -22.66 -21.60 -5.08
C ALA A 150 -21.69 -20.99 -6.09
N HIS A 151 -20.41 -21.00 -5.75
CA HIS A 151 -19.33 -20.48 -6.58
C HIS A 151 -19.54 -19.04 -7.04
N VAL A 152 -20.08 -18.24 -6.13
CA VAL A 152 -20.30 -16.82 -6.35
C VAL A 152 -19.05 -16.03 -6.73
N ALA A 153 -17.92 -16.29 -6.04
CA ALA A 153 -16.64 -15.57 -6.32
C ALA A 153 -16.22 -15.61 -7.78
N GLU A 154 -16.46 -16.74 -8.43
CA GLU A 154 -15.98 -16.97 -9.81
C GLU A 154 -16.69 -16.10 -10.80
N GLN A 155 -17.98 -15.89 -10.56
CA GLN A 155 -18.80 -15.10 -11.45
C GLN A 155 -18.54 -13.63 -11.22
N LEU A 156 -18.28 -13.28 -9.97
CA LEU A 156 -17.90 -11.91 -9.66
C LEU A 156 -16.55 -11.60 -10.28
N ARG A 157 -15.59 -12.51 -10.13
CA ARG A 157 -14.23 -12.30 -10.68
C ARG A 157 -14.23 -12.03 -12.21
N ALA A 158 -14.99 -12.82 -12.96
CA ALA A 158 -15.13 -12.64 -14.41
C ALA A 158 -15.68 -11.26 -14.76
N TYR A 159 -16.68 -10.77 -14.03
CA TYR A 159 -17.14 -9.39 -14.25
C TYR A 159 -16.06 -8.32 -13.97
N LEU A 160 -15.46 -8.42 -12.78
CA LEU A 160 -14.51 -7.43 -12.27
C LEU A 160 -13.22 -7.34 -13.06
N GLU A 161 -12.69 -8.46 -13.54
CA GLU A 161 -11.48 -8.42 -14.32
C GLU A 161 -11.76 -8.12 -15.80
N GLY A 162 -12.99 -8.39 -16.25
CA GLY A 162 -13.33 -8.41 -17.68
C GLY A 162 -14.22 -7.25 -18.06
N THR A 163 -15.54 -7.48 -18.07
CA THR A 163 -16.60 -6.46 -18.25
C THR A 163 -16.41 -5.11 -17.57
N CYS A 164 -16.06 -5.14 -16.30
CA CYS A 164 -15.92 -3.90 -15.53
C CYS A 164 -14.84 -3.02 -16.14
N VAL A 165 -13.69 -3.62 -16.48
CA VAL A 165 -12.57 -2.89 -17.02
C VAL A 165 -12.90 -2.41 -18.45
N GLU A 166 -13.66 -3.23 -19.21
CA GLU A 166 -13.96 -2.92 -20.62
C GLU A 166 -14.87 -1.70 -20.71
N TRP A 167 -15.89 -1.67 -19.84
CA TRP A 167 -16.81 -0.55 -19.77
C TRP A 167 -16.13 0.70 -19.15
N LEU A 168 -15.31 0.53 -18.11
CA LEU A 168 -14.52 1.68 -17.60
C LEU A 168 -13.70 2.38 -18.72
N ARG A 169 -12.93 1.60 -19.50
CA ARG A 169 -12.18 2.12 -20.66
C ARG A 169 -13.06 2.82 -21.71
N ARG A 170 -14.21 2.23 -22.00
CA ARG A 170 -15.18 2.82 -22.91
C ARG A 170 -15.68 4.18 -22.39
N TYR A 171 -16.08 4.23 -21.11
CA TYR A 171 -16.52 5.51 -20.48
C TYR A 171 -15.44 6.59 -20.46
N LEU A 172 -14.24 6.20 -20.03
CA LEU A 172 -13.04 7.05 -20.07
C LEU A 172 -12.78 7.64 -21.46
N GLU A 173 -12.88 6.79 -22.50
CA GLU A 173 -12.78 7.22 -23.92
C GLU A 173 -13.87 8.22 -24.32
N ASN A 174 -15.13 7.82 -24.13
CA ASN A 174 -16.26 8.67 -24.51
C ASN A 174 -16.37 9.95 -23.74
N GLY A 175 -16.00 9.92 -22.45
CA GLY A 175 -16.09 11.10 -21.64
C GLY A 175 -14.74 11.71 -21.38
N LYS A 176 -13.85 11.63 -22.37
CA LYS A 176 -12.43 11.97 -22.16
C LYS A 176 -12.16 13.38 -21.68
N GLU A 177 -12.92 14.33 -22.21
CA GLU A 177 -12.83 15.75 -21.88
C GLU A 177 -13.16 16.01 -20.40
N THR A 178 -14.15 15.29 -19.86
CA THR A 178 -14.56 15.35 -18.47
C THR A 178 -13.74 14.49 -17.55
N LEU A 179 -13.51 13.26 -17.98
CA LEU A 179 -12.97 12.25 -17.09
C LEU A 179 -11.46 12.17 -17.08
N GLN A 180 -10.82 12.38 -18.23
CA GLN A 180 -9.36 12.38 -18.28
C GLN A 180 -8.90 13.82 -18.21
N ARG A 181 -9.21 14.46 -17.09
CA ARG A 181 -8.74 15.78 -16.89
C ARG A 181 -8.20 15.82 -15.48
N THR A 182 -7.31 16.75 -15.25
CA THR A 182 -6.93 17.05 -13.90
C THR A 182 -6.97 18.56 -13.79
N ASP A 183 -7.65 19.01 -12.75
CA ASP A 183 -7.70 20.43 -12.47
C ASP A 183 -6.91 20.63 -11.21
N ALA A 184 -5.82 21.38 -11.31
CA ALA A 184 -4.97 21.68 -10.14
C ALA A 184 -5.71 22.60 -9.19
N PRO A 185 -5.53 22.42 -7.87
CA PRO A 185 -6.17 23.36 -6.90
C PRO A 185 -5.64 24.79 -7.02
N LYS A 186 -6.55 25.75 -6.91
CA LYS A 186 -6.23 27.17 -6.76
C LYS A 186 -6.14 27.35 -5.26
N THR A 187 -4.96 27.69 -4.79
CA THR A 187 -4.77 27.76 -3.33
C THR A 187 -4.61 29.16 -2.80
N HIS A 188 -5.01 29.37 -1.54
CA HIS A 188 -4.71 30.59 -0.80
C HIS A 188 -4.90 30.31 0.67
N MET A 189 -4.42 31.22 1.49
CA MET A 189 -4.70 31.14 2.92
C MET A 189 -5.41 32.39 3.37
N THR A 190 -6.39 32.24 4.29
CA THR A 190 -7.03 33.40 4.88
C THR A 190 -6.62 33.56 6.39
N HIS A 191 -6.61 34.81 6.83
CA HIS A 191 -6.22 35.19 8.18
C HIS A 191 -7.34 35.99 8.85
N HIS A 192 -7.82 35.56 10.01
CA HIS A 192 -8.85 36.38 10.71
C HIS A 192 -8.60 36.30 12.20
N ALA A 193 -8.50 37.46 12.87
CA ALA A 193 -8.35 37.51 14.33
C ALA A 193 -9.55 36.87 15.01
N VAL A 194 -9.35 36.10 16.08
CA VAL A 194 -10.52 35.67 16.87
C VAL A 194 -10.59 36.40 18.22
N SER A 195 -9.54 37.12 18.56
CA SER A 195 -9.40 37.98 19.75
C SER A 195 -8.20 38.88 19.49
N ASP A 196 -7.77 39.66 20.49
CA ASP A 196 -6.53 40.45 20.27
C ASP A 196 -5.26 39.59 20.32
N HIS A 197 -5.36 38.34 20.77
CA HIS A 197 -4.17 37.50 20.89
C HIS A 197 -4.14 36.21 20.09
N GLU A 198 -5.20 35.91 19.33
CA GLU A 198 -5.23 34.72 18.48
C GLU A 198 -5.81 34.97 17.08
N ALA A 199 -5.29 34.25 16.08
CA ALA A 199 -5.87 34.32 14.73
C ALA A 199 -6.15 32.97 14.13
N THR A 200 -7.21 32.89 13.33
CA THR A 200 -7.49 31.68 12.57
C THR A 200 -6.78 31.75 11.22
N LEU A 201 -5.92 30.77 10.96
CA LEU A 201 -5.26 30.68 9.67
C LEU A 201 -5.98 29.56 8.90
N ARG A 202 -6.52 29.84 7.72
CA ARG A 202 -7.24 28.73 7.04
C ARG A 202 -6.68 28.56 5.62
N CYS A 203 -6.28 27.35 5.31
CA CYS A 203 -5.57 27.05 4.04
C CYS A 203 -6.63 26.49 3.14
N TRP A 204 -6.78 27.05 1.92
CA TRP A 204 -7.86 26.75 1.03
C TRP A 204 -7.34 26.09 -0.21
N ALA A 205 -8.11 25.12 -0.74
CA ALA A 205 -7.90 24.57 -2.06
C ALA A 205 -9.24 24.53 -2.75
N LEU A 206 -9.28 25.08 -3.99
CA LEU A 206 -10.52 25.33 -4.70
C LEU A 206 -10.42 24.85 -6.17
N SER A 207 -11.56 24.44 -6.73
CA SER A 207 -11.64 24.13 -8.19
C SER A 207 -10.80 22.97 -8.62
N PHE A 208 -10.64 21.96 -7.78
CA PHE A 208 -9.77 20.87 -8.14
C PHE A 208 -10.51 19.59 -8.54
N TYR A 209 -9.86 18.78 -9.34
CA TYR A 209 -10.42 17.48 -9.74
C TYR A 209 -9.23 16.64 -10.10
N PRO A 210 -9.19 15.36 -9.66
CA PRO A 210 -10.14 14.59 -8.83
C PRO A 210 -10.16 15.01 -7.36
N ALA A 211 -10.93 14.31 -6.54
CA ALA A 211 -11.22 14.78 -5.18
C ALA A 211 -10.06 14.57 -4.24
N GLU A 212 -9.25 13.55 -4.50
CA GLU A 212 -8.11 13.20 -3.65
C GLU A 212 -7.16 14.40 -3.48
N ILE A 213 -6.87 14.77 -2.24
CA ILE A 213 -5.98 15.96 -1.91
C ILE A 213 -5.46 15.79 -0.47
N THR A 214 -4.27 16.30 -0.20
CA THR A 214 -3.75 16.39 1.17
C THR A 214 -3.42 17.86 1.46
N LEU A 215 -3.97 18.35 2.56
CA LEU A 215 -3.72 19.67 3.08
C LEU A 215 -3.17 19.50 4.47
N THR A 216 -2.03 20.13 4.77
CA THR A 216 -1.40 19.93 6.08
C THR A 216 -0.82 21.28 6.55
N TRP A 217 -0.91 21.52 7.86
CA TRP A 217 -0.21 22.67 8.49
C TRP A 217 1.08 22.22 9.15
N GLN A 218 2.14 23.02 8.97
CA GLN A 218 3.38 22.89 9.75
C GLN A 218 3.66 24.15 10.61
N ARG A 219 4.24 23.95 11.80
CA ARG A 219 4.82 25.06 12.61
C ARG A 219 6.32 24.78 12.72
N ASP A 220 7.12 25.69 12.16
CA ASP A 220 8.57 25.49 11.99
C ASP A 220 8.89 24.11 11.41
N GLY A 221 8.15 23.68 10.40
CA GLY A 221 8.46 22.38 9.82
C GLY A 221 7.85 21.19 10.53
N GLU A 222 7.22 21.38 11.68
CA GLU A 222 6.64 20.22 12.36
C GLU A 222 5.13 20.12 12.11
N ASP A 223 4.63 18.91 11.85
CA ASP A 223 3.20 18.76 11.49
C ASP A 223 2.30 19.10 12.70
N GLN A 224 1.18 19.77 12.44
CA GLN A 224 0.29 20.24 13.51
C GLN A 224 -1.01 19.45 13.43
N THR A 225 -0.88 18.16 13.27
CA THR A 225 -2.04 17.40 12.86
C THR A 225 -3.12 17.35 13.97
N GLN A 226 -2.71 17.36 15.24
CA GLN A 226 -3.70 17.34 16.33
CA GLN A 226 -3.71 17.34 16.33
C GLN A 226 -4.35 18.69 16.54
N ASP A 227 -3.74 19.74 16.03
CA ASP A 227 -4.30 21.07 16.19
C ASP A 227 -5.04 21.60 14.96
N THR A 228 -5.11 20.77 13.92
CA THR A 228 -5.67 21.19 12.64
C THR A 228 -7.10 20.71 12.52
N GLU A 229 -7.97 21.64 12.10
CA GLU A 229 -9.33 21.27 11.78
C GLU A 229 -9.36 21.06 10.29
N LEU A 230 -9.70 19.85 9.88
CA LEU A 230 -9.64 19.47 8.45
C LEU A 230 -11.06 19.20 8.04
N VAL A 231 -11.71 19.99 7.16
CA VAL A 231 -13.07 19.58 6.75
C VAL A 231 -13.08 18.51 5.66
N GLU A 232 -14.20 17.83 5.51
CA GLU A 232 -14.34 16.82 4.51
C GLU A 232 -14.34 17.53 3.14
N THR A 233 -13.62 16.95 2.18
CA THR A 233 -13.64 17.42 0.75
C THR A 233 -15.06 17.50 0.22
N ARG A 234 -15.43 18.63 -0.40
CA ARG A 234 -16.81 18.88 -0.71
C ARG A 234 -16.97 19.28 -2.18
N PRO A 235 -18.12 18.92 -2.77
CA PRO A 235 -18.32 19.31 -4.17
C PRO A 235 -18.72 20.76 -4.31
N ALA A 236 -18.19 21.44 -5.35
CA ALA A 236 -18.60 22.80 -5.65
C ALA A 236 -19.91 22.79 -6.40
N GLY A 237 -20.20 21.66 -7.07
CA GLY A 237 -21.45 21.46 -7.80
C GLY A 237 -21.19 21.57 -9.29
N ASP A 238 -20.00 22.03 -9.68
CA ASP A 238 -19.70 22.20 -11.10
C ASP A 238 -18.74 21.11 -11.60
N GLY A 239 -18.57 20.04 -10.81
CA GLY A 239 -17.62 18.99 -11.21
C GLY A 239 -16.22 19.12 -10.63
N THR A 240 -16.02 20.17 -9.82
CA THR A 240 -14.77 20.30 -9.08
C THR A 240 -15.04 20.23 -7.54
N PHE A 241 -13.97 20.14 -6.76
CA PHE A 241 -14.00 19.95 -5.29
C PHE A 241 -13.27 21.06 -4.54
N GLN A 242 -13.53 21.18 -3.25
CA GLN A 242 -12.99 22.25 -2.40
C GLN A 242 -12.62 21.54 -1.07
N LYS A 243 -11.63 22.09 -0.38
CA LYS A 243 -11.28 21.64 0.97
C LYS A 243 -10.52 22.74 1.70
N TRP A 244 -10.60 22.77 3.04
CA TRP A 244 -9.79 23.72 3.79
C TRP A 244 -9.28 23.04 5.03
N ALA A 245 -8.23 23.60 5.61
CA ALA A 245 -7.62 23.09 6.86
C ALA A 245 -7.35 24.34 7.69
N ALA A 246 -7.68 24.36 8.98
CA ALA A 246 -7.42 25.56 9.77
C ALA A 246 -6.71 25.25 11.07
N VAL A 247 -5.93 26.22 11.51
CA VAL A 247 -5.33 26.23 12.86
C VAL A 247 -5.60 27.62 13.50
N VAL A 248 -5.78 27.63 14.82
CA VAL A 248 -5.82 28.86 15.60
C VAL A 248 -4.43 29.08 16.27
N VAL A 249 -3.82 30.23 16.00
CA VAL A 249 -2.42 30.47 16.28
CA VAL A 249 -2.43 30.44 16.35
C VAL A 249 -2.32 31.72 17.21
N PRO A 250 -1.29 31.79 18.09
CA PRO A 250 -1.12 33.11 18.75
C PRO A 250 -0.70 34.22 17.75
N SER A 251 -1.33 35.40 17.83
CA SER A 251 -0.98 36.59 16.99
C SER A 251 0.50 36.93 17.09
N GLY A 252 1.18 37.04 15.96
CA GLY A 252 2.65 37.26 15.98
C GLY A 252 3.44 36.07 15.54
N GLN A 253 2.89 34.86 15.67
CA GLN A 253 3.56 33.65 15.19
C GLN A 253 3.16 33.17 13.80
N GLU A 254 2.43 33.97 13.04
CA GLU A 254 1.95 33.57 11.69
C GLU A 254 3.09 33.05 10.80
N GLN A 255 4.25 33.68 10.84
CA GLN A 255 5.38 33.32 9.96
C GLN A 255 5.97 31.96 10.26
N ARG A 256 5.66 31.40 11.44
CA ARG A 256 6.09 30.03 11.77
C ARG A 256 5.28 28.96 11.04
N TYR A 257 4.11 29.33 10.57
CA TYR A 257 3.10 28.39 10.05
C TYR A 257 3.09 28.35 8.54
N THR A 258 3.12 27.14 7.99
CA THR A 258 3.07 26.97 6.53
C THR A 258 1.99 25.90 6.21
N CYS A 259 1.27 26.12 5.11
CA CYS A 259 0.38 25.13 4.58
C CYS A 259 0.97 24.37 3.39
N HIS A 260 0.64 23.10 3.31
CA HIS A 260 1.27 22.21 2.37
C HIS A 260 0.18 21.47 1.61
N VAL A 261 0.21 21.62 0.29
CA VAL A 261 -0.87 21.12 -0.59
C VAL A 261 -0.34 20.09 -1.56
N GLN A 262 -0.95 18.91 -1.53
CA GLN A 262 -0.56 17.82 -2.41
C GLN A 262 -1.75 17.41 -3.29
N HIS A 263 -1.57 17.46 -4.60
CA HIS A 263 -2.61 17.06 -5.54
C HIS A 263 -2.00 16.57 -6.85
N GLU A 264 -2.63 15.58 -7.47
CA GLU A 264 -2.04 15.00 -8.70
C GLU A 264 -1.87 16.02 -9.84
N GLY A 265 -2.70 17.06 -9.88
CA GLY A 265 -2.53 18.15 -10.84
C GLY A 265 -1.45 19.19 -10.63
N LEU A 266 -0.83 19.18 -9.47
CA LEU A 266 0.24 20.09 -9.17
C LEU A 266 1.51 19.48 -9.72
N PRO A 267 2.26 20.25 -10.53
CA PRO A 267 3.58 19.79 -10.99
C PRO A 267 4.53 19.45 -9.81
N LYS A 268 4.45 20.21 -8.71
CA LYS A 268 5.15 19.91 -7.44
C LYS A 268 4.20 20.25 -6.25
N PRO A 269 4.35 19.59 -5.07
CA PRO A 269 3.55 20.05 -3.94
C PRO A 269 3.81 21.53 -3.57
N LEU A 270 2.79 22.27 -3.15
CA LEU A 270 2.95 23.71 -2.90
C LEU A 270 3.09 23.93 -1.42
N THR A 271 3.94 24.91 -1.08
CA THR A 271 4.01 25.39 0.26
C THR A 271 3.56 26.84 0.26
N LEU A 272 2.56 27.14 1.07
CA LEU A 272 2.06 28.51 1.19
C LEU A 272 2.51 29.11 2.49
N ARG A 273 2.90 30.38 2.44
CA ARG A 273 3.60 31.06 3.54
C ARG A 273 2.98 32.39 3.85
N TRP A 274 3.21 32.88 5.08
CA TRP A 274 2.72 34.18 5.52
C TRP A 274 3.84 35.26 5.43
N GLU A 275 4.85 35.03 4.59
CA GLU A 275 5.96 35.97 4.41
C GLU A 275 6.58 35.81 3.02
N MET B 1 -27.53 -0.06 17.34
CA MET B 1 -27.23 0.13 15.94
C MET B 1 -26.23 1.29 15.83
N ILE B 2 -25.32 1.16 14.88
CA ILE B 2 -24.47 2.26 14.47
C ILE B 2 -25.25 3.51 14.14
N GLN B 3 -24.80 4.62 14.71
CA GLN B 3 -25.31 5.91 14.30
C GLN B 3 -24.12 6.88 14.12
N ARG B 4 -24.08 7.59 12.98
CA ARG B 4 -23.01 8.60 12.74
C ARG B 4 -23.59 9.97 12.43
N THR B 5 -23.04 11.03 13.02
CA THR B 5 -23.66 12.37 12.99
C THR B 5 -23.26 13.01 11.65
N PRO B 6 -24.18 13.75 11.01
CA PRO B 6 -23.78 14.48 9.79
C PRO B 6 -22.75 15.63 10.08
N LYS B 7 -21.76 15.74 9.22
CA LYS B 7 -20.85 16.88 9.20
C LYS B 7 -21.48 17.84 8.15
N ILE B 8 -21.79 19.08 8.53
CA ILE B 8 -22.60 19.98 7.72
C ILE B 8 -21.72 21.12 7.32
N GLN B 9 -21.66 21.41 6.03
CA GLN B 9 -20.93 22.58 5.53
C GLN B 9 -21.83 23.42 4.63
N VAL B 10 -21.87 24.76 4.81
CA VAL B 10 -22.72 25.60 3.96
C VAL B 10 -21.81 26.62 3.35
N TYR B 11 -21.93 26.85 2.04
CA TYR B 11 -20.86 27.50 1.30
C TYR B 11 -21.36 27.82 -0.09
N SER B 12 -20.73 28.80 -0.72
CA SER B 12 -21.07 29.09 -2.11
C SER B 12 -20.14 28.38 -3.10
N ARG B 13 -20.63 28.03 -4.31
CA ARG B 13 -19.79 27.40 -5.35
C ARG B 13 -18.55 28.21 -5.72
N HIS B 14 -18.77 29.52 -5.93
CA HIS B 14 -17.75 30.50 -6.32
C HIS B 14 -17.65 31.56 -5.22
N PRO B 15 -16.49 32.29 -5.14
CA PRO B 15 -16.42 33.38 -4.15
C PRO B 15 -17.64 34.34 -4.24
N ALA B 16 -18.31 34.65 -3.13
CA ALA B 16 -19.55 35.41 -3.21
C ALA B 16 -19.22 36.85 -3.53
N GLU B 17 -20.07 37.45 -4.35
CA GLU B 17 -19.95 38.84 -4.70
C GLU B 17 -21.37 39.33 -4.81
N ASN B 18 -21.72 40.38 -4.06
CA ASN B 18 -23.12 40.87 -4.06
C ASN B 18 -23.63 41.21 -5.46
N GLY B 19 -24.80 40.70 -5.81
CA GLY B 19 -25.40 41.06 -7.09
C GLY B 19 -24.97 40.12 -8.19
N LYS B 20 -24.05 39.20 -7.89
CA LYS B 20 -23.65 38.19 -8.85
C LYS B 20 -24.27 36.81 -8.56
N SER B 21 -24.95 36.24 -9.55
CA SER B 21 -25.58 34.91 -9.33
C SER B 21 -24.53 33.84 -9.05
N ASN B 22 -24.90 32.81 -8.27
CA ASN B 22 -23.91 31.87 -7.66
C ASN B 22 -24.75 30.64 -7.31
N PHE B 23 -24.19 29.66 -6.58
CA PHE B 23 -24.96 28.56 -6.08
C PHE B 23 -24.61 28.43 -4.61
N LEU B 24 -25.64 28.30 -3.80
CA LEU B 24 -25.52 28.01 -2.37
C LEU B 24 -25.63 26.53 -2.13
N ASN B 25 -24.67 25.96 -1.41
CA ASN B 25 -24.57 24.51 -1.22
C ASN B 25 -24.66 24.23 0.23
N CYS B 26 -25.30 23.12 0.57
CA CYS B 26 -25.17 22.53 1.91
C CYS B 26 -24.78 21.09 1.72
N TYR B 27 -23.58 20.76 2.16
CA TYR B 27 -23.05 19.44 1.98
C TYR B 27 -23.11 18.73 3.34
N VAL B 28 -23.79 17.58 3.39
CA VAL B 28 -23.85 16.80 4.63
C VAL B 28 -23.20 15.45 4.37
N SER B 29 -22.23 15.07 5.18
CA SER B 29 -21.41 13.85 4.86
C SER B 29 -21.18 13.07 6.15
N GLY B 30 -20.76 11.81 6.04
CA GLY B 30 -20.39 11.07 7.24
C GLY B 30 -21.53 10.62 8.13
N PHE B 31 -22.75 10.55 7.61
CA PHE B 31 -23.89 10.24 8.45
C PHE B 31 -24.37 8.78 8.26
N HIS B 32 -25.06 8.30 9.27
CA HIS B 32 -25.66 6.97 9.27
C HIS B 32 -26.71 6.89 10.38
N PRO B 33 -27.93 6.39 10.08
CA PRO B 33 -28.58 5.94 8.84
C PRO B 33 -28.84 7.05 7.82
N SER B 34 -29.36 6.66 6.68
CA SER B 34 -29.51 7.62 5.61
C SER B 34 -30.65 8.62 5.73
N ASP B 35 -31.62 8.35 6.60
CA ASP B 35 -32.81 9.25 6.73
C ASP B 35 -32.37 10.59 7.33
N ILE B 36 -32.60 11.68 6.61
CA ILE B 36 -32.08 13.02 7.00
C ILE B 36 -33.01 14.11 6.40
N GLU B 37 -33.16 15.22 7.13
CA GLU B 37 -33.91 16.38 6.65
C GLU B 37 -32.91 17.48 6.50
N VAL B 38 -32.85 18.08 5.31
CA VAL B 38 -31.90 19.18 5.06
C VAL B 38 -32.72 20.28 4.39
N ASP B 39 -32.70 21.50 4.96
CA ASP B 39 -33.31 22.63 4.28
C ASP B 39 -32.32 23.77 4.18
N LEU B 40 -32.45 24.56 3.13
CA LEU B 40 -31.66 25.76 3.00
C LEU B 40 -32.62 26.85 3.43
N LEU B 41 -32.11 27.79 4.23
CA LEU B 41 -32.92 28.92 4.76
C LEU B 41 -32.44 30.26 4.20
N LYS B 42 -33.39 31.11 3.86
CA LYS B 42 -33.09 32.49 3.52
C LYS B 42 -33.84 33.32 4.53
N ASN B 43 -33.09 34.08 5.33
CA ASN B 43 -33.59 34.89 6.44
C ASN B 43 -34.48 34.08 7.37
N GLY B 44 -34.06 32.84 7.60
CA GLY B 44 -34.80 31.91 8.46
C GLY B 44 -36.06 31.28 7.86
N GLU B 45 -36.30 31.45 6.55
CA GLU B 45 -37.41 30.74 5.91
C GLU B 45 -36.90 29.71 4.93
N ARG B 46 -37.64 28.62 4.82
CA ARG B 46 -37.29 27.52 3.91
C ARG B 46 -37.29 27.98 2.44
N ILE B 47 -36.19 27.67 1.74
CA ILE B 47 -36.08 27.92 0.30
C ILE B 47 -36.72 26.72 -0.41
N GLU B 48 -37.62 26.99 -1.35
CA GLU B 48 -38.47 25.94 -1.97
C GLU B 48 -37.78 25.18 -3.10
N LYS B 49 -37.02 25.88 -3.89
CA LYS B 49 -36.61 25.34 -5.18
C LYS B 49 -35.19 24.75 -4.98
N VAL B 50 -35.09 23.76 -4.07
CA VAL B 50 -33.78 23.24 -3.66
C VAL B 50 -33.57 21.84 -4.24
N GLU B 51 -32.49 21.66 -5.00
CA GLU B 51 -32.22 20.33 -5.51
C GLU B 51 -31.26 19.57 -4.64
N HIS B 52 -31.24 18.24 -4.79
CA HIS B 52 -30.18 17.51 -4.14
C HIS B 52 -29.55 16.43 -4.99
N SER B 53 -28.36 16.03 -4.57
CA SER B 53 -27.67 14.93 -5.19
C SER B 53 -28.35 13.57 -4.91
N ASP B 54 -27.90 12.55 -5.62
CA ASP B 54 -28.40 11.20 -5.40
C ASP B 54 -27.61 10.58 -4.27
N LEU B 55 -28.33 9.88 -3.40
CA LEU B 55 -27.77 9.27 -2.20
C LEU B 55 -26.57 8.36 -2.54
N SER B 56 -25.44 8.68 -1.94
CA SER B 56 -24.28 7.91 -2.17
C SER B 56 -23.53 7.72 -0.86
N PHE B 57 -22.42 6.98 -0.91
CA PHE B 57 -21.66 6.73 0.32
C PHE B 57 -20.17 6.53 0.13
N SER B 58 -19.43 6.72 1.21
CA SER B 58 -17.97 6.69 1.24
C SER B 58 -17.49 5.30 1.58
N LYS B 59 -16.17 5.12 1.47
CA LYS B 59 -15.45 3.87 1.78
C LYS B 59 -15.86 3.28 3.13
N ASP B 60 -16.10 4.14 4.13
CA ASP B 60 -16.44 3.70 5.48
C ASP B 60 -17.97 3.44 5.64
N TRP B 61 -18.71 3.48 4.52
CA TRP B 61 -20.17 3.25 4.47
C TRP B 61 -21.00 4.47 4.89
N SER B 62 -20.38 5.58 5.28
CA SER B 62 -21.24 6.72 5.68
C SER B 62 -21.77 7.48 4.46
N PHE B 63 -22.93 8.08 4.59
CA PHE B 63 -23.65 8.65 3.48
C PHE B 63 -23.27 10.10 3.26
N TYR B 64 -23.47 10.60 2.05
CA TYR B 64 -23.27 12.02 1.77
C TYR B 64 -24.31 12.52 0.76
N LEU B 65 -24.76 13.78 0.95
CA LEU B 65 -25.74 14.43 0.06
C LEU B 65 -25.32 15.91 -0.11
N LEU B 66 -25.54 16.46 -1.30
CA LEU B 66 -25.36 17.89 -1.56
C LEU B 66 -26.73 18.45 -1.88
N TYR B 67 -27.14 19.50 -1.16
CA TYR B 67 -28.32 20.25 -1.41
C TYR B 67 -27.86 21.59 -1.90
N TYR B 68 -28.56 22.12 -2.90
CA TYR B 68 -28.06 23.26 -3.62
C TYR B 68 -29.19 24.04 -4.29
N THR B 69 -28.96 25.34 -4.43
CA THR B 69 -29.88 26.21 -5.12
C THR B 69 -29.11 27.39 -5.69
N GLU B 70 -29.57 27.94 -6.82
CA GLU B 70 -29.02 29.15 -7.36
C GLU B 70 -29.43 30.31 -6.45
N PHE B 71 -28.55 31.27 -6.25
CA PHE B 71 -28.84 32.46 -5.45
C PHE B 71 -27.96 33.62 -5.86
N THR B 72 -28.41 34.82 -5.51
CA THR B 72 -27.64 36.03 -5.72
C THR B 72 -27.43 36.68 -4.32
N PRO B 73 -26.21 36.61 -3.77
CA PRO B 73 -25.94 37.21 -2.45
C PRO B 73 -26.16 38.70 -2.45
N THR B 74 -26.61 39.20 -1.31
CA THR B 74 -26.80 40.63 -1.13
C THR B 74 -26.17 40.90 0.21
N GLU B 75 -26.27 42.15 0.63
CA GLU B 75 -25.64 42.62 1.85
C GLU B 75 -26.39 42.06 3.05
N LYS B 76 -27.70 42.20 2.96
CA LYS B 76 -28.57 42.00 4.09
C LYS B 76 -29.13 40.57 4.18
N ASP B 77 -29.04 39.78 3.11
CA ASP B 77 -29.64 38.42 3.16
C ASP B 77 -28.73 37.45 3.86
N GLU B 78 -29.35 36.70 4.76
CA GLU B 78 -28.67 35.75 5.60
C GLU B 78 -29.12 34.37 5.20
N TYR B 79 -28.14 33.50 4.94
CA TYR B 79 -28.40 32.14 4.56
C TYR B 79 -27.98 31.12 5.63
N ALA B 80 -28.54 29.92 5.57
CA ALA B 80 -28.20 28.86 6.56
C ALA B 80 -28.68 27.51 6.06
N CYS B 81 -28.23 26.45 6.75
CA CYS B 81 -28.69 25.13 6.42
C CYS B 81 -29.27 24.49 7.69
N ARG B 82 -30.44 23.88 7.61
CA ARG B 82 -31.04 23.26 8.79
C ARG B 82 -31.08 21.78 8.54
N VAL B 83 -30.46 21.02 9.46
CA VAL B 83 -30.32 19.58 9.33
C VAL B 83 -30.93 18.88 10.56
N ASN B 84 -31.73 17.83 10.36
CA ASN B 84 -32.15 16.97 11.47
C ASN B 84 -31.86 15.54 11.08
N HIS B 85 -31.56 14.73 12.09
CA HIS B 85 -31.08 13.36 11.90
C HIS B 85 -31.21 12.75 13.29
N VAL B 86 -31.35 11.43 13.35
CA VAL B 86 -31.52 10.73 14.64
C VAL B 86 -30.42 11.04 15.65
N THR B 87 -29.21 11.35 15.18
CA THR B 87 -28.05 11.66 16.04
C THR B 87 -28.09 13.06 16.61
N LEU B 88 -28.98 13.93 16.12
CA LEU B 88 -29.13 15.30 16.64
C LEU B 88 -30.36 15.43 17.48
N SER B 89 -30.20 15.92 18.71
CA SER B 89 -31.34 15.95 19.61
C SER B 89 -32.27 17.13 19.33
N GLN B 90 -31.78 18.14 18.59
CA GLN B 90 -32.65 19.17 18.02
C GLN B 90 -32.08 19.45 16.64
N PRO B 91 -32.89 20.03 15.71
CA PRO B 91 -32.29 20.51 14.45
C PRO B 91 -31.12 21.49 14.65
N LYS B 92 -30.12 21.33 13.80
CA LYS B 92 -28.86 22.03 13.87
C LYS B 92 -28.86 22.99 12.68
N ILE B 93 -28.55 24.24 12.97
CA ILE B 93 -28.53 25.28 11.96
C ILE B 93 -27.10 25.76 11.84
N VAL B 94 -26.56 25.68 10.63
CA VAL B 94 -25.25 26.21 10.36
C VAL B 94 -25.39 27.48 9.49
N LYS B 95 -24.89 28.62 9.95
CA LYS B 95 -25.00 29.86 9.18
C LYS B 95 -23.95 29.91 8.05
N TRP B 96 -24.35 30.41 6.88
CA TRP B 96 -23.40 30.66 5.81
C TRP B 96 -22.50 31.82 6.25
N ASP B 97 -21.18 31.60 6.19
CA ASP B 97 -20.19 32.62 6.54
C ASP B 97 -19.34 32.82 5.31
N ARG B 98 -19.48 33.98 4.68
CA ARG B 98 -18.82 34.24 3.40
C ARG B 98 -17.33 34.62 3.50
N ASP B 99 -16.84 34.83 4.72
CA ASP B 99 -15.54 35.45 4.87
C ASP B 99 -14.53 34.45 5.42
N MET B 100 -14.77 33.17 5.20
CA MET B 100 -13.89 32.17 5.76
C MET B 100 -12.65 31.97 4.86
N GLU C 1 -21.01 -0.56 -17.18
CA GLU C 1 -22.32 -1.24 -17.07
C GLU C 1 -22.38 -2.12 -15.79
N LEU C 2 -23.58 -2.33 -15.29
CA LEU C 2 -23.81 -3.18 -14.11
C LEU C 2 -23.43 -4.65 -14.36
N ALA C 3 -23.04 -5.33 -13.30
CA ALA C 3 -22.93 -6.81 -13.29
C ALA C 3 -24.27 -7.45 -13.57
C GIC C 4 -28.77 -9.39 -11.25
N1 GIC C 4 -26.86 -9.54 -12.97
O GIC C 4 -28.78 -8.82 -10.14
C1 GIC C 4 -26.60 -9.28 -14.25
N GIC C 4 -24.16 -8.61 -14.22
O1 GIC C 4 -25.63 -10.07 -11.21
C2 GIC C 4 -25.20 -9.47 -14.78
N2 GIC C 4 -26.45 -14.71 -10.13
C3 GIC C 4 -26.20 -10.45 -12.22
C4 GIC C 4 -26.24 -11.95 -12.59
C5 GIC C 4 -26.01 -12.96 -11.48
C6 GIC C 4 -26.93 -13.94 -11.13
C7 GIC C 4 -25.22 -14.27 -9.76
C8 GIC C 4 -24.34 -14.72 -8.78
C9 GIC C 4 -23.11 -14.08 -8.65
CC GIC C 4 -27.98 -8.77 -12.38
C10 GIC C 4 -22.82 -13.00 -9.48
C11 GIC C 4 -23.70 -12.54 -10.45
C12 GIC C 4 -24.92 -13.19 -10.60
C 3AZ C 5 -28.54 -13.63 -6.93
N 3AZ C 5 -29.35 -10.56 -11.54
O 3AZ C 5 -28.83 -14.65 -6.32
C1 3AZ C 5 -30.09 -12.51 -10.11
C2 3AZ C 5 -29.49 -12.50 -8.86
C3 3AZ C 5 -29.19 -13.69 -8.26
C4 3AZ C 5 -29.53 -14.93 -8.86
C5 3AZ C 5 -30.15 -14.92 -10.10
C6 3AZ C 5 -30.43 -13.71 -10.72
CN 3AZ C 5 -30.40 -11.18 -10.71
N LEU C 6 -27.50 -12.89 -6.58
CA LEU C 6 -26.73 -13.03 -5.40
C LEU C 6 -27.59 -12.54 -4.25
N THR C 7 -27.88 -13.42 -3.32
CA THR C 7 -28.58 -12.98 -2.12
C THR C 7 -27.73 -13.44 -0.95
N VAL C 8 -27.77 -12.68 0.13
CA VAL C 8 -27.01 -13.06 1.35
C VAL C 8 -27.61 -14.28 2.04
N GLY D 1 -1.81 -8.57 -0.03
CA GLY D 1 -1.43 -7.60 1.04
C GLY D 1 -0.59 -6.43 0.51
N SER D 2 0.40 -6.02 1.28
CA SER D 2 1.21 -4.89 0.90
C SER D 2 2.41 -5.35 0.03
N HIS D 3 3.05 -4.44 -0.72
CA HIS D 3 4.21 -4.85 -1.56
C HIS D 3 5.35 -3.87 -1.54
N SER D 4 6.53 -4.27 -2.01
CA SER D 4 7.63 -3.35 -1.99
C SER D 4 8.47 -3.41 -3.28
N MET D 5 9.05 -2.29 -3.66
CA MET D 5 10.10 -2.39 -4.64
C MET D 5 11.35 -1.78 -4.06
N ARG D 6 12.49 -2.45 -4.20
CA ARG D 6 13.74 -1.93 -3.69
C ARG D 6 14.93 -2.13 -4.65
N TYR D 7 15.78 -1.10 -4.74
CA TYR D 7 17.06 -1.16 -5.44
C TYR D 7 18.19 -1.02 -4.39
N PHE D 8 19.28 -1.78 -4.56
CA PHE D 8 20.36 -1.86 -3.62
C PHE D 8 21.60 -1.66 -4.44
N PHE D 9 22.54 -0.86 -3.94
CA PHE D 9 23.72 -0.49 -4.69
C PHE D 9 24.93 -0.68 -3.79
N THR D 10 25.98 -1.29 -4.29
CA THR D 10 27.18 -1.45 -3.48
C THR D 10 28.35 -1.00 -4.32
N SER D 11 29.10 0.00 -3.85
CA SER D 11 30.35 0.36 -4.52
C SER D 11 31.52 0.18 -3.61
N VAL D 12 32.59 -0.46 -4.11
CA VAL D 12 33.72 -0.81 -3.28
C VAL D 12 35.00 -0.30 -3.90
N SER D 13 35.67 0.64 -3.24
CA SER D 13 36.99 1.08 -3.76
C SER D 13 38.07 -0.01 -3.71
N ARG D 14 38.92 -0.08 -4.72
CA ARG D 14 40.00 -1.07 -4.72
C ARG D 14 41.29 -0.48 -5.27
N PRO D 15 41.98 0.33 -4.46
CA PRO D 15 43.12 1.17 -4.89
C PRO D 15 44.20 0.30 -5.48
N GLY D 16 44.58 0.58 -6.72
CA GLY D 16 45.57 -0.24 -7.45
C GLY D 16 44.99 -1.41 -8.26
N ARG D 17 43.72 -1.71 -8.05
CA ARG D 17 43.12 -2.91 -8.65
C ARG D 17 41.89 -2.57 -9.50
N GLY D 18 41.83 -1.30 -9.94
CA GLY D 18 40.81 -0.85 -10.87
C GLY D 18 39.89 0.21 -10.28
N GLU D 19 38.99 0.69 -11.12
CA GLU D 19 37.87 1.50 -10.68
C GLU D 19 37.02 0.75 -9.65
N PRO D 20 36.25 1.49 -8.79
CA PRO D 20 35.40 0.81 -7.80
C PRO D 20 34.51 -0.25 -8.41
N ARG D 21 34.42 -1.39 -7.73
CA ARG D 21 33.49 -2.43 -8.10
C ARG D 21 32.08 -1.94 -7.77
N PHE D 22 31.22 -1.90 -8.76
CA PHE D 22 29.86 -1.42 -8.52
C PHE D 22 28.90 -2.56 -8.85
N ILE D 23 27.92 -2.81 -7.97
CA ILE D 23 26.89 -3.89 -8.17
C ILE D 23 25.53 -3.32 -7.74
N ALA D 24 24.54 -3.34 -8.65
CA ALA D 24 23.15 -2.94 -8.39
C ALA D 24 22.23 -4.08 -8.59
N VAL D 25 21.24 -4.21 -7.71
CA VAL D 25 20.20 -5.20 -7.88
C VAL D 25 18.87 -4.54 -7.50
N GLY D 26 17.81 -5.01 -8.13
CA GLY D 26 16.47 -4.53 -7.91
C GLY D 26 15.61 -5.74 -7.54
N TYR D 27 14.65 -5.50 -6.65
CA TYR D 27 13.78 -6.51 -6.08
C TYR D 27 12.35 -6.01 -6.06
N VAL D 28 11.40 -6.92 -6.30
CA VAL D 28 10.03 -6.69 -5.90
C VAL D 28 9.77 -7.71 -4.77
N ASP D 29 9.41 -7.21 -3.58
CA ASP D 29 9.31 -8.03 -2.33
C ASP D 29 10.58 -8.88 -2.23
N ASP D 30 10.45 -10.21 -2.17
CA ASP D 30 11.66 -11.06 -2.10
C ASP D 30 12.10 -11.69 -3.42
N THR D 31 11.75 -11.11 -4.56
CA THR D 31 12.07 -11.69 -5.85
C THR D 31 12.98 -10.68 -6.61
N GLN D 32 14.21 -11.07 -6.92
CA GLN D 32 15.11 -10.25 -7.70
C GLN D 32 14.64 -10.18 -9.18
N PHE D 33 14.79 -9.03 -9.83
CA PHE D 33 14.39 -8.87 -11.22
C PHE D 33 15.44 -8.23 -12.12
N VAL D 34 16.37 -7.46 -11.53
CA VAL D 34 17.48 -6.89 -12.32
C VAL D 34 18.83 -6.96 -11.65
N ARG D 35 19.89 -6.95 -12.44
CA ARG D 35 21.20 -6.76 -11.88
C ARG D 35 22.05 -5.89 -12.79
N PHE D 36 23.07 -5.24 -12.22
CA PHE D 36 24.20 -4.72 -13.01
C PHE D 36 25.50 -5.02 -12.28
N ASP D 37 26.53 -5.49 -12.99
CA ASP D 37 27.87 -5.62 -12.40
C ASP D 37 28.88 -4.96 -13.31
N SER D 38 29.65 -4.04 -12.72
CA SER D 38 30.66 -3.24 -13.46
C SER D 38 31.85 -4.05 -13.96
N ASP D 39 32.09 -5.21 -13.38
CA ASP D 39 33.14 -6.08 -13.85
C ASP D 39 32.68 -7.04 -14.93
N ALA D 40 31.37 -7.15 -15.19
CA ALA D 40 30.91 -8.12 -16.18
C ALA D 40 31.13 -7.59 -17.61
N ALA D 41 31.05 -8.46 -18.59
CA ALA D 41 31.44 -8.07 -19.94
C ALA D 41 30.36 -7.25 -20.64
N SER D 42 29.10 -7.47 -20.24
CA SER D 42 28.01 -6.94 -21.02
C SER D 42 27.79 -5.44 -20.88
N GLN D 43 28.15 -4.88 -19.70
CA GLN D 43 27.91 -3.47 -19.38
C GLN D 43 26.46 -3.02 -19.57
N ARG D 44 25.51 -3.91 -19.25
CA ARG D 44 24.12 -3.64 -19.51
C ARG D 44 23.41 -3.93 -18.24
N MET D 45 22.31 -3.22 -17.95
CA MET D 45 21.37 -3.76 -16.97
C MET D 45 20.77 -5.08 -17.54
N GLU D 46 20.65 -6.12 -16.73
CA GLU D 46 20.24 -7.44 -17.24
C GLU D 46 19.01 -7.97 -16.48
N PRO D 47 18.12 -8.70 -17.21
CA PRO D 47 16.98 -9.36 -16.55
C PRO D 47 17.44 -10.46 -15.61
N ARG D 48 16.74 -10.62 -14.49
CA ARG D 48 16.96 -11.73 -13.53
C ARG D 48 15.61 -12.31 -13.07
N ALA D 49 14.54 -11.97 -13.78
CA ALA D 49 13.22 -12.58 -13.53
C ALA D 49 12.64 -12.78 -14.88
N PRO D 50 11.94 -13.91 -15.11
CA PRO D 50 11.29 -14.06 -16.45
C PRO D 50 10.29 -12.98 -16.84
N TRP D 51 9.52 -12.46 -15.88
CA TRP D 51 8.49 -11.46 -16.19
C TRP D 51 9.01 -10.02 -16.54
N ILE D 52 10.29 -9.77 -16.32
CA ILE D 52 10.85 -8.47 -16.72
C ILE D 52 11.36 -8.51 -18.15
N GLU D 53 11.57 -9.71 -18.68
CA GLU D 53 12.25 -9.93 -19.97
C GLU D 53 11.52 -9.30 -21.14
N GLN D 54 10.18 -9.22 -21.01
CA GLN D 54 9.31 -8.63 -22.00
C GLN D 54 9.57 -7.14 -22.24
N GLU D 55 10.11 -6.44 -21.23
CA GLU D 55 10.37 -5.01 -21.38
C GLU D 55 11.22 -4.69 -22.59
N GLY D 56 10.84 -3.63 -23.26
CA GLY D 56 11.34 -3.34 -24.56
C GLY D 56 12.67 -2.63 -24.53
N PRO D 57 13.15 -2.23 -25.72
CA PRO D 57 14.53 -1.72 -25.81
C PRO D 57 14.75 -0.37 -25.15
N GLU D 58 13.71 0.48 -25.07
CA GLU D 58 13.77 1.77 -24.37
C GLU D 58 14.01 1.56 -22.87
N TYR D 59 13.44 0.49 -22.35
CA TYR D 59 13.59 0.18 -20.93
C TYR D 59 15.02 -0.24 -20.65
N TRP D 60 15.52 -1.29 -21.34
CA TRP D 60 16.89 -1.79 -21.05
C TRP D 60 17.92 -0.69 -21.28
N ASP D 61 17.75 0.08 -22.36
CA ASP D 61 18.67 1.16 -22.66
C ASP D 61 18.61 2.24 -21.58
N GLY D 62 17.41 2.64 -21.15
CA GLY D 62 17.23 3.65 -20.09
C GLY D 62 17.74 3.18 -18.71
N GLU D 63 17.54 1.92 -18.41
CA GLU D 63 17.98 1.36 -17.15
C GLU D 63 19.50 1.21 -17.16
N THR D 64 20.07 0.86 -18.32
CA THR D 64 21.55 0.78 -18.46
C THR D 64 22.20 2.16 -18.27
N ARG D 65 21.70 3.16 -19.03
CA ARG D 65 22.13 4.57 -18.81
C ARG D 65 22.08 5.03 -17.35
N LYS D 66 20.89 4.91 -16.73
CA LYS D 66 20.68 5.37 -15.37
C LYS D 66 21.55 4.62 -14.36
N VAL D 67 21.70 3.31 -14.52
CA VAL D 67 22.47 2.55 -13.51
C VAL D 67 23.97 2.91 -13.61
N LYS D 68 24.43 3.19 -14.84
CA LYS D 68 25.84 3.57 -15.02
C LYS D 68 26.04 4.94 -14.41
N ALA D 69 24.98 5.76 -14.42
CA ALA D 69 25.09 7.09 -13.81
C ALA D 69 25.08 6.98 -12.28
N HIS D 70 24.39 5.99 -11.72
CA HIS D 70 24.43 5.69 -10.30
C HIS D 70 25.85 5.24 -9.93
N SER D 71 26.46 4.41 -10.78
CA SER D 71 27.85 4.00 -10.52
C SER D 71 28.84 5.17 -10.48
N GLN D 72 28.68 6.09 -11.41
CA GLN D 72 29.64 7.24 -11.43
C GLN D 72 29.49 8.13 -10.19
N THR D 73 28.26 8.34 -9.77
CA THR D 73 27.88 9.06 -8.61
C THR D 73 28.53 8.45 -7.31
N HIS D 74 28.53 7.13 -7.21
CA HIS D 74 29.19 6.47 -6.09
C HIS D 74 30.71 6.50 -6.19
N ARG D 75 31.26 6.59 -7.40
CA ARG D 75 32.71 6.76 -7.54
C ARG D 75 33.14 8.13 -6.99
N VAL D 76 32.36 9.15 -7.31
CA VAL D 76 32.53 10.47 -6.68
C VAL D 76 32.33 10.41 -5.16
N ASP D 77 31.31 9.70 -4.72
CA ASP D 77 31.08 9.58 -3.26
C ASP D 77 32.30 9.03 -2.52
N LEU D 78 32.86 7.95 -3.05
CA LEU D 78 34.04 7.29 -2.45
C LEU D 78 35.29 8.24 -2.23
N GLY D 79 35.56 9.11 -3.20
CA GLY D 79 36.55 10.15 -2.99
C GLY D 79 36.12 11.19 -1.94
N THR D 80 34.86 11.60 -1.99
CA THR D 80 34.33 12.60 -1.05
C THR D 80 34.39 12.12 0.39
N LEU D 81 33.97 10.88 0.62
CA LEU D 81 33.94 10.28 1.94
C LEU D 81 35.33 10.09 2.50
N ARG D 82 36.30 9.64 1.69
CA ARG D 82 37.68 9.60 2.10
C ARG D 82 38.16 10.95 2.62
N GLY D 83 37.75 12.05 1.94
CA GLY D 83 38.10 13.42 2.38
C GLY D 83 37.38 13.76 3.68
N TYR D 84 36.09 13.41 3.79
CA TYR D 84 35.34 13.77 4.99
C TYR D 84 35.94 13.07 6.21
N TYR D 85 36.39 11.84 6.02
CA TYR D 85 36.91 11.06 7.12
C TYR D 85 38.44 11.09 7.27
N ASN D 86 39.14 11.89 6.44
CA ASN D 86 40.61 11.97 6.37
C ASN D 86 41.26 10.55 6.26
N GLN D 87 40.81 9.81 5.25
CA GLN D 87 41.27 8.39 5.16
C GLN D 87 42.29 8.28 4.04
N SER D 88 43.21 7.33 4.15
CA SER D 88 44.25 7.28 3.13
C SER D 88 43.79 6.65 1.82
N GLU D 89 44.60 6.89 0.78
CA GLU D 89 44.42 6.39 -0.60
C GLU D 89 44.34 4.87 -0.65
N ALA D 90 45.06 4.23 0.25
CA ALA D 90 45.46 2.85 0.07
C ALA D 90 44.45 1.86 0.63
N GLY D 91 43.50 2.32 1.41
CA GLY D 91 42.43 1.42 1.94
C GLY D 91 41.23 1.22 1.04
N SER D 92 40.68 0.01 1.07
CA SER D 92 39.37 -0.24 0.46
C SER D 92 38.20 0.25 1.33
N HIS D 93 37.23 0.96 0.75
CA HIS D 93 36.04 1.40 1.47
C HIS D 93 34.72 1.03 0.77
N THR D 94 33.59 1.03 1.46
CA THR D 94 32.36 0.56 0.88
C THR D 94 31.30 1.62 1.04
N VAL D 95 30.68 2.04 -0.06
CA VAL D 95 29.41 2.81 0.00
C VAL D 95 28.27 1.91 -0.43
N GLN D 96 27.17 2.00 0.32
CA GLN D 96 25.95 1.27 0.04
C GLN D 96 24.81 2.20 0.02
N ARG D 97 23.93 2.02 -0.95
CA ARG D 97 22.71 2.80 -1.03
C ARG D 97 21.49 1.91 -1.24
N MET D 98 20.36 2.28 -0.68
CA MET D 98 19.16 1.51 -0.94
C MET D 98 18.02 2.50 -1.05
N TYR D 99 17.14 2.37 -2.07
CA TYR D 99 15.92 3.17 -2.10
C TYR D 99 14.74 2.39 -2.64
N GLY D 100 13.54 2.89 -2.37
CA GLY D 100 12.34 2.30 -2.95
C GLY D 100 11.09 2.62 -2.19
N CYS D 101 10.01 1.90 -2.50
CA CYS D 101 8.69 2.24 -2.01
C CYS D 101 7.89 1.03 -1.59
N ASP D 102 6.93 1.26 -0.69
CA ASP D 102 5.96 0.28 -0.29
C ASP D 102 4.62 0.80 -0.71
N VAL D 103 3.76 -0.10 -1.21
CA VAL D 103 2.35 0.16 -1.41
C VAL D 103 1.53 -0.76 -0.51
N GLY D 104 0.32 -0.34 -0.13
CA GLY D 104 -0.55 -1.15 0.70
C GLY D 104 -1.47 -2.05 -0.12
N SER D 105 -2.57 -2.49 0.48
CA SER D 105 -3.49 -3.42 -0.16
C SER D 105 -4.28 -2.73 -1.26
N ASP D 106 -4.45 -1.41 -1.14
CA ASP D 106 -5.09 -0.63 -2.20
C ASP D 106 -4.17 -0.32 -3.38
N TRP D 107 -2.94 -0.89 -3.32
CA TRP D 107 -1.82 -0.66 -4.27
C TRP D 107 -1.38 0.82 -4.35
N ARG D 108 -1.68 1.61 -3.32
CA ARG D 108 -1.32 3.03 -3.30
C ARG D 108 -0.14 3.23 -2.36
N PHE D 109 0.61 4.29 -2.61
CA PHE D 109 1.82 4.61 -1.80
C PHE D 109 1.61 4.49 -0.30
N LEU D 110 2.47 3.73 0.34
CA LEU D 110 2.43 3.58 1.77
C LEU D 110 3.66 4.22 2.43
N ARG D 111 4.84 4.02 1.85
CA ARG D 111 6.09 4.42 2.52
C ARG D 111 7.24 4.46 1.53
N GLY D 112 8.12 5.45 1.66
CA GLY D 112 9.32 5.55 0.81
C GLY D 112 10.59 5.57 1.63
N TYR D 113 11.71 5.19 1.00
CA TYR D 113 13.01 5.03 1.68
C TYR D 113 14.09 5.49 0.74
N HIS D 114 15.13 6.08 1.30
CA HIS D 114 16.33 6.43 0.52
C HIS D 114 17.45 6.61 1.52
N GLN D 115 18.37 5.67 1.59
CA GLN D 115 19.37 5.73 2.64
C GLN D 115 20.73 5.19 2.21
N TYR D 116 21.79 5.63 2.91
CA TYR D 116 23.18 5.31 2.58
C TYR D 116 23.91 4.77 3.76
N ALA D 117 24.88 3.93 3.47
CA ALA D 117 25.80 3.52 4.52
C ALA D 117 27.19 3.71 4.00
N TYR D 118 28.12 3.91 4.94
CA TYR D 118 29.55 4.00 4.60
C TYR D 118 30.30 3.07 5.54
N ASP D 119 31.08 2.18 4.93
CA ASP D 119 31.80 1.07 5.61
C ASP D 119 30.91 0.33 6.60
N GLY D 120 29.69 0.04 6.18
CA GLY D 120 28.85 -0.83 6.98
C GLY D 120 28.07 -0.15 8.07
N LYS D 121 28.24 1.16 8.24
CA LYS D 121 27.52 1.97 9.27
C LYS D 121 26.50 2.89 8.61
N ASP D 122 25.34 3.13 9.23
CA ASP D 122 24.40 4.15 8.74
C ASP D 122 25.16 5.48 8.53
N TYR D 123 24.92 6.11 7.40
CA TYR D 123 25.52 7.37 7.05
C TYR D 123 24.42 8.45 7.02
N ILE D 124 23.54 8.39 6.00
CA ILE D 124 22.40 9.31 5.93
C ILE D 124 21.14 8.61 5.42
N ALA D 125 19.99 8.97 5.98
CA ALA D 125 18.71 8.34 5.67
C ALA D 125 17.60 9.38 5.54
N LEU D 126 16.81 9.32 4.46
CA LEU D 126 15.55 10.07 4.39
C LEU D 126 14.60 9.55 5.41
N LYS D 127 14.09 10.44 6.27
CA LYS D 127 13.06 10.08 7.23
C LYS D 127 11.72 9.77 6.55
N GLU D 128 10.80 9.17 7.31
CA GLU D 128 9.55 8.67 6.75
C GLU D 128 8.67 9.83 6.22
N ASP D 129 8.82 11.04 6.77
CA ASP D 129 8.09 12.23 6.24
C ASP D 129 8.51 12.68 4.81
N LEU D 130 9.63 12.14 4.31
CA LEU D 130 10.21 12.40 2.97
C LEU D 130 10.66 13.89 2.83
N ARG D 131 11.01 14.50 3.95
CA ARG D 131 11.37 15.92 3.92
C ARG D 131 12.43 16.26 4.96
N SER D 132 12.96 15.27 5.65
CA SER D 132 14.09 15.48 6.60
C SER D 132 14.99 14.29 6.58
N TRP D 133 16.16 14.50 7.17
CA TRP D 133 17.26 13.56 7.16
C TRP D 133 17.76 13.14 8.55
N THR D 134 18.11 11.88 8.69
CA THR D 134 18.82 11.37 9.87
C THR D 134 20.26 11.26 9.48
N ALA D 135 21.10 12.06 10.12
CA ALA D 135 22.54 12.03 9.88
C ALA D 135 23.26 12.01 11.24
N ALA D 136 23.70 10.87 11.73
CA ALA D 136 24.40 10.87 13.04
C ALA D 136 25.79 11.50 13.00
N ASP D 137 26.64 11.10 12.06
CA ASP D 137 28.00 11.56 12.20
C ASP D 137 28.18 12.98 11.70
N MET D 138 29.24 13.63 12.13
CA MET D 138 29.44 14.99 11.68
C MET D 138 29.66 15.03 10.14
N ALA D 139 30.39 14.08 9.56
CA ALA D 139 30.48 14.04 8.08
C ALA D 139 29.14 13.99 7.35
N ALA D 140 28.20 13.19 7.87
CA ALA D 140 26.88 13.06 7.29
C ALA D 140 26.08 14.35 7.43
N GLN D 141 26.41 15.15 8.45
CA GLN D 141 25.82 16.46 8.62
C GLN D 141 26.25 17.44 7.53
N THR D 142 27.48 17.27 7.06
CA THR D 142 27.98 18.04 5.96
C THR D 142 27.11 17.71 4.76
N THR D 143 26.92 16.40 4.50
CA THR D 143 26.10 15.93 3.41
C THR D 143 24.67 16.49 3.54
N LYS D 144 24.14 16.44 4.75
CA LYS D 144 22.82 16.95 5.04
C LYS D 144 22.65 18.44 4.71
N HIS D 145 23.66 19.26 5.05
CA HIS D 145 23.60 20.69 4.70
C HIS D 145 23.54 20.89 3.18
N LYS D 146 24.32 20.12 2.42
CA LYS D 146 24.40 20.23 0.94
C LYS D 146 23.10 19.75 0.30
N TRP D 147 22.57 18.66 0.84
CA TRP D 147 21.30 18.16 0.37
C TRP D 147 20.10 19.00 0.68
N GLU D 148 20.11 19.65 1.85
CA GLU D 148 19.12 20.63 2.21
C GLU D 148 19.15 21.84 1.29
N ALA D 149 20.34 22.40 1.08
CA ALA D 149 20.46 23.56 0.19
C ALA D 149 20.11 23.22 -1.28
N ALA D 150 20.43 21.99 -1.71
CA ALA D 150 20.05 21.52 -3.07
C ALA D 150 18.63 20.95 -3.23
N HIS D 151 17.84 20.94 -2.15
CA HIS D 151 16.43 20.47 -2.19
C HIS D 151 16.29 19.03 -2.69
N VAL D 152 17.26 18.19 -2.27
CA VAL D 152 17.30 16.77 -2.63
C VAL D 152 16.06 15.97 -2.21
N ALA D 153 15.57 16.21 -0.99
CA ALA D 153 14.40 15.46 -0.46
C ALA D 153 13.17 15.57 -1.34
N GLU D 154 12.89 16.77 -1.82
CA GLU D 154 11.78 17.05 -2.70
C GLU D 154 11.82 16.26 -3.99
N GLN D 155 13.01 16.16 -4.58
CA GLN D 155 13.21 15.44 -5.85
C GLN D 155 13.07 13.93 -5.64
N LEU D 156 13.65 13.43 -4.55
CA LEU D 156 13.49 12.03 -4.19
C LEU D 156 12.04 11.65 -3.91
N ARG D 157 11.31 12.53 -3.24
CA ARG D 157 9.92 12.28 -2.85
C ARG D 157 9.02 12.13 -4.06
N ALA D 158 9.25 12.93 -5.10
CA ALA D 158 8.45 12.80 -6.33
C ALA D 158 8.70 11.44 -7.04
N TYR D 159 9.93 10.93 -6.97
CA TYR D 159 10.22 9.62 -7.52
C TYR D 159 9.50 8.54 -6.68
N LEU D 160 9.55 8.70 -5.36
CA LEU D 160 9.18 7.63 -4.46
C LEU D 160 7.69 7.53 -4.29
N GLU D 161 6.98 8.63 -4.49
CA GLU D 161 5.53 8.59 -4.46
C GLU D 161 4.94 8.42 -5.86
N GLY D 162 5.74 8.64 -6.89
CA GLY D 162 5.21 8.65 -8.24
C GLY D 162 5.66 7.42 -8.98
N THR D 163 6.70 7.64 -9.80
CA THR D 163 7.38 6.64 -10.61
C THR D 163 7.59 5.28 -9.96
N CYS D 164 8.17 5.27 -8.76
CA CYS D 164 8.43 4.04 -8.00
C CYS D 164 7.18 3.18 -7.84
N VAL D 165 6.10 3.82 -7.38
CA VAL D 165 4.77 3.19 -7.24
C VAL D 165 4.22 2.75 -8.58
N GLU D 166 4.30 3.61 -9.59
CA GLU D 166 3.76 3.32 -10.93
C GLU D 166 4.40 2.06 -11.51
N TRP D 167 5.72 1.96 -11.42
CA TRP D 167 6.40 0.81 -11.96
C TRP D 167 6.26 -0.42 -11.04
N LEU D 168 6.27 -0.22 -9.72
CA LEU D 168 5.90 -1.31 -8.79
C LEU D 168 4.58 -2.01 -9.20
N ARG D 169 3.53 -1.23 -9.44
CA ARG D 169 2.28 -1.76 -9.99
C ARG D 169 2.44 -2.53 -11.31
N ARG D 170 3.23 -1.96 -12.22
CA ARG D 170 3.42 -2.60 -13.53
C ARG D 170 4.07 -3.97 -13.37
N TYR D 171 5.13 -4.01 -12.54
CA TYR D 171 5.85 -5.27 -12.27
C TYR D 171 4.97 -6.34 -11.60
N LEU D 172 4.17 -5.91 -10.63
CA LEU D 172 3.21 -6.79 -9.98
C LEU D 172 2.16 -7.40 -10.91
N GLU D 173 1.70 -6.62 -11.91
CA GLU D 173 0.76 -7.09 -12.92
C GLU D 173 1.44 -8.06 -13.87
N ASN D 174 2.57 -7.64 -14.45
CA ASN D 174 3.36 -8.52 -15.32
C ASN D 174 3.87 -9.82 -14.72
N GLY D 175 4.29 -9.78 -13.46
CA GLY D 175 4.75 -10.96 -12.83
C GLY D 175 3.76 -11.49 -11.82
N LYS D 176 2.46 -11.36 -12.12
CA LYS D 176 1.39 -11.73 -11.17
C LYS D 176 1.55 -13.11 -10.54
N GLU D 177 1.90 -14.10 -11.35
CA GLU D 177 1.89 -15.51 -10.93
C GLU D 177 2.97 -15.81 -9.88
N THR D 178 4.10 -15.13 -10.03
CA THR D 178 5.26 -15.17 -9.10
C THR D 178 5.11 -14.26 -7.90
N LEU D 179 4.61 -13.06 -8.15
CA LEU D 179 4.65 -11.99 -7.15
C LEU D 179 3.40 -11.92 -6.27
N GLN D 180 2.23 -12.17 -6.85
CA GLN D 180 0.97 -12.14 -6.10
C GLN D 180 0.66 -13.57 -5.69
N ARG D 181 1.47 -14.06 -4.76
CA ARG D 181 1.45 -15.45 -4.41
C ARG D 181 1.92 -15.57 -2.97
N THR D 182 1.38 -16.57 -2.31
CA THR D 182 1.82 -16.91 -0.98
C THR D 182 1.93 -18.41 -0.96
N ASP D 183 3.11 -18.92 -0.62
CA ASP D 183 3.31 -20.38 -0.40
C ASP D 183 3.45 -20.60 1.09
N ALA D 184 2.47 -21.23 1.72
CA ALA D 184 2.54 -21.49 3.20
C ALA D 184 3.68 -22.47 3.46
N PRO D 185 4.38 -22.37 4.63
CA PRO D 185 5.50 -23.28 4.90
C PRO D 185 5.09 -24.74 5.10
N LYS D 186 5.90 -25.68 4.58
CA LYS D 186 5.70 -27.07 4.96
C LYS D 186 6.54 -27.33 6.22
N THR D 187 5.86 -27.69 7.31
CA THR D 187 6.53 -27.80 8.62
C THR D 187 6.75 -29.23 9.15
N HIS D 188 7.87 -29.44 9.86
CA HIS D 188 8.05 -30.67 10.64
C HIS D 188 9.09 -30.38 11.68
N MET D 189 9.25 -31.32 12.61
CA MET D 189 10.31 -31.21 13.58
C MET D 189 11.15 -32.47 13.51
N THR D 190 12.45 -32.36 13.74
CA THR D 190 13.32 -33.54 13.68
C THR D 190 13.91 -33.77 15.08
N HIS D 191 14.31 -35.02 15.35
CA HIS D 191 14.85 -35.43 16.70
C HIS D 191 16.08 -36.29 16.52
N HIS D 192 17.22 -35.87 17.11
CA HIS D 192 18.47 -36.64 17.11
C HIS D 192 19.14 -36.54 18.49
N ALA D 193 19.46 -37.70 19.07
CA ALA D 193 20.17 -37.71 20.37
C ALA D 193 21.57 -37.11 20.13
N VAL D 194 22.03 -36.25 21.01
CA VAL D 194 23.46 -35.85 20.97
C VAL D 194 24.30 -36.63 21.95
N SER D 195 23.64 -37.25 22.91
CA SER D 195 24.29 -38.15 23.87
C SER D 195 23.19 -39.05 24.40
N ASP D 196 23.50 -39.91 25.40
CA ASP D 196 22.43 -40.73 25.97
C ASP D 196 21.50 -39.93 26.91
N HIS D 197 21.82 -38.65 27.14
CA HIS D 197 20.98 -37.82 28.00
C HIS D 197 20.50 -36.51 27.39
N GLU D 198 20.94 -36.17 26.16
CA GLU D 198 20.44 -34.97 25.48
C GLU D 198 20.04 -35.23 24.03
N ALA D 199 19.04 -34.48 23.53
CA ALA D 199 18.59 -34.53 22.11
C ALA D 199 18.46 -33.16 21.46
N THR D 200 18.75 -33.06 20.15
CA THR D 200 18.43 -31.84 19.39
C THR D 200 17.01 -31.93 18.82
N LEU D 201 16.16 -30.96 19.14
CA LEU D 201 14.85 -30.85 18.51
C LEU D 201 15.03 -29.74 17.48
N ARG D 202 14.78 -30.00 16.20
CA ARG D 202 14.86 -28.87 15.26
C ARG D 202 13.54 -28.71 14.53
N CYS D 203 13.00 -27.47 14.51
CA CYS D 203 11.71 -27.17 13.90
C CYS D 203 12.00 -26.57 12.54
N TRP D 204 11.50 -27.20 11.48
CA TRP D 204 11.72 -26.76 10.12
C TRP D 204 10.50 -26.12 9.48
N ALA D 205 10.77 -25.13 8.63
CA ALA D 205 9.74 -24.56 7.76
C ALA D 205 10.38 -24.53 6.41
N LEU D 206 9.67 -25.06 5.40
CA LEU D 206 10.26 -25.27 4.07
C LEU D 206 9.33 -24.78 2.97
N SER D 207 9.89 -24.44 1.79
CA SER D 207 9.14 -24.04 0.58
CA SER D 207 9.15 -24.05 0.59
C SER D 207 8.15 -22.91 0.84
N PHE D 208 8.55 -21.91 1.58
CA PHE D 208 7.62 -20.83 1.82
C PHE D 208 7.97 -19.55 1.06
N TYR D 209 6.93 -18.75 0.83
CA TYR D 209 7.07 -17.44 0.17
C TYR D 209 5.93 -16.55 0.66
N PRO D 210 6.22 -15.29 1.05
CA PRO D 210 7.49 -14.58 1.10
C PRO D 210 8.37 -15.00 2.28
N ALA D 211 9.58 -14.40 2.39
CA ALA D 211 10.61 -14.81 3.38
C ALA D 211 10.21 -14.60 4.85
N GLU D 212 9.35 -13.60 5.08
CA GLU D 212 8.95 -13.22 6.42
C GLU D 212 8.31 -14.39 7.14
N ILE D 213 8.86 -14.76 8.31
CA ILE D 213 8.38 -15.93 9.07
C ILE D 213 8.86 -15.81 10.54
N THR D 214 8.09 -16.38 11.47
CA THR D 214 8.51 -16.47 12.84
C THR D 214 8.49 -17.94 13.23
N LEU D 215 9.59 -18.41 13.84
CA LEU D 215 9.74 -19.77 14.34
C LEU D 215 10.14 -19.65 15.81
N THR D 216 9.32 -20.15 16.75
CA THR D 216 9.70 -20.08 18.18
C THR D 216 9.48 -21.37 18.91
N TRP D 217 10.36 -21.64 19.87
CA TRP D 217 10.18 -22.82 20.75
C TRP D 217 9.58 -22.42 22.10
N GLN D 218 8.62 -23.21 22.56
CA GLN D 218 8.09 -23.06 23.92
C GLN D 218 8.36 -24.31 24.76
N ARG D 219 8.69 -24.12 26.04
CA ARG D 219 8.82 -25.24 27.00
C ARG D 219 7.74 -24.95 28.03
N ASP D 220 6.74 -25.84 28.09
CA ASP D 220 5.54 -25.68 28.93
C ASP D 220 4.95 -24.28 28.78
N GLY D 221 4.88 -23.79 27.54
CA GLY D 221 4.33 -22.49 27.31
C GLY D 221 5.23 -21.30 27.45
N GLU D 222 6.46 -21.46 27.91
CA GLU D 222 7.29 -20.25 27.90
C GLU D 222 8.33 -20.27 26.84
N ASP D 223 8.59 -19.08 26.30
CA ASP D 223 9.46 -18.95 25.14
C ASP D 223 10.90 -19.28 25.56
N GLN D 224 11.60 -19.96 24.67
CA GLN D 224 12.95 -20.43 24.93
C GLN D 224 13.97 -19.68 24.03
N THR D 225 13.68 -18.40 23.82
CA THR D 225 14.43 -17.58 22.87
CA THR D 225 14.42 -17.51 22.94
C THR D 225 15.95 -17.53 23.16
N GLN D 226 16.36 -17.36 24.42
CA GLN D 226 17.78 -17.46 24.81
C GLN D 226 18.45 -18.82 24.53
N ASP D 227 17.67 -19.90 24.58
CA ASP D 227 18.24 -21.22 24.30
C ASP D 227 18.01 -21.78 22.91
N THR D 228 17.52 -20.96 21.99
CA THR D 228 17.12 -21.46 20.69
C THR D 228 18.17 -21.03 19.68
N GLU D 229 18.64 -21.95 18.85
CA GLU D 229 19.49 -21.57 17.72
C GLU D 229 18.60 -21.35 16.51
N LEU D 230 18.57 -20.14 16.00
CA LEU D 230 17.65 -19.75 14.97
C LEU D 230 18.49 -19.35 13.78
N VAL D 231 18.47 -20.11 12.67
CA VAL D 231 19.28 -19.68 11.53
C VAL D 231 18.60 -18.57 10.73
N GLU D 232 19.41 -17.84 10.01
CA GLU D 232 18.95 -16.88 9.04
C GLU D 232 18.09 -17.59 7.92
N THR D 233 16.95 -16.97 7.59
CA THR D 233 16.12 -17.42 6.49
C THR D 233 16.95 -17.45 5.22
N ARG D 234 16.87 -18.57 4.53
CA ARG D 234 17.76 -18.84 3.44
C ARG D 234 16.95 -19.22 2.20
N PRO D 235 17.46 -18.85 1.03
CA PRO D 235 16.78 -19.18 -0.19
C PRO D 235 17.04 -20.62 -0.63
N ALA D 236 16.00 -21.29 -1.09
CA ALA D 236 16.16 -22.69 -1.58
C ALA D 236 16.72 -22.69 -3.02
N GLY D 237 16.48 -21.58 -3.71
CA GLY D 237 17.03 -21.32 -5.08
C GLY D 237 15.96 -21.42 -6.15
N ASP D 238 14.76 -21.88 -5.74
CA ASP D 238 13.62 -22.07 -6.66
C ASP D 238 12.55 -21.02 -6.41
N GLY D 239 12.95 -19.92 -5.76
CA GLY D 239 12.00 -18.86 -5.41
C GLY D 239 11.24 -19.04 -4.12
N THR D 240 11.57 -20.07 -3.35
CA THR D 240 10.96 -20.16 -2.04
C THR D 240 12.08 -20.09 -0.98
N PHE D 241 11.70 -20.11 0.28
CA PHE D 241 12.65 -19.94 1.37
C PHE D 241 12.53 -21.05 2.44
N GLN D 242 13.54 -21.12 3.31
CA GLN D 242 13.63 -22.16 4.38
C GLN D 242 14.15 -21.53 5.63
N LYS D 243 13.86 -22.16 6.78
CA LYS D 243 14.36 -21.69 8.07
C LYS D 243 14.18 -22.79 9.07
N TRP D 244 15.06 -22.80 10.06
CA TRP D 244 14.90 -23.78 11.11
C TRP D 244 15.21 -23.12 12.46
N ALA D 245 14.70 -23.69 13.57
CA ALA D 245 15.05 -23.22 14.92
C ALA D 245 15.34 -24.49 15.70
N ALA D 246 16.38 -24.52 16.54
CA ALA D 246 16.68 -25.73 17.31
C ALA D 246 16.92 -25.48 18.78
N VAL D 247 16.66 -26.50 19.58
CA VAL D 247 16.95 -26.46 21.03
C VAL D 247 17.54 -27.78 21.39
N VAL D 248 18.43 -27.80 22.37
CA VAL D 248 19.00 -29.04 22.90
C VAL D 248 18.41 -29.29 24.26
N VAL D 249 17.73 -30.41 24.41
CA VAL D 249 16.79 -30.65 25.50
C VAL D 249 17.18 -31.91 26.27
N PRO D 250 16.90 -31.96 27.59
CA PRO D 250 17.19 -33.25 28.25
C PRO D 250 16.28 -34.41 27.72
N SER D 251 16.86 -35.58 27.38
CA SER D 251 16.09 -36.75 26.91
C SER D 251 14.94 -37.08 27.89
N GLY D 252 13.73 -37.15 27.36
CA GLY D 252 12.58 -37.46 28.23
C GLY D 252 11.67 -36.26 28.33
N GLN D 253 12.20 -35.07 28.04
CA GLN D 253 11.43 -33.82 28.17
C GLN D 253 10.86 -33.31 26.85
N GLU D 254 10.98 -34.08 25.77
CA GLU D 254 10.45 -33.70 24.43
C GLU D 254 9.03 -33.18 24.43
N GLN D 255 8.13 -33.86 25.16
CA GLN D 255 6.71 -33.51 25.13
C GLN D 255 6.41 -32.16 25.78
N ARG D 256 7.38 -31.59 26.55
CA ARG D 256 7.27 -30.20 27.08
C ARG D 256 7.46 -29.13 25.99
N TYR D 257 8.13 -29.50 24.90
CA TYR D 257 8.60 -28.56 23.88
C TYR D 257 7.68 -28.58 22.68
N THR D 258 7.22 -27.38 22.30
CA THR D 258 6.39 -27.17 21.13
C THR D 258 7.03 -26.07 20.25
N CYS D 259 6.94 -26.25 18.93
CA CYS D 259 7.43 -25.24 17.98
C CYS D 259 6.23 -24.45 17.42
N HIS D 260 6.41 -23.15 17.24
CA HIS D 260 5.27 -22.28 16.87
C HIS D 260 5.62 -21.54 15.60
N VAL D 261 4.86 -21.73 14.54
CA VAL D 261 5.19 -21.16 13.23
C VAL D 261 4.12 -20.14 12.80
N GLN D 262 4.58 -18.94 12.41
CA GLN D 262 3.70 -17.87 11.94
C GLN D 262 4.18 -17.47 10.55
N HIS D 263 3.23 -17.42 9.60
CA HIS D 263 3.54 -16.99 8.23
C HIS D 263 2.21 -16.53 7.63
N GLU D 264 2.27 -15.58 6.69
CA GLU D 264 1.03 -15.00 6.13
C GLU D 264 0.21 -16.03 5.34
N GLY D 265 0.91 -17.06 4.84
CA GLY D 265 0.31 -18.25 4.25
C GLY D 265 -0.49 -19.18 5.14
N LEU D 266 -0.25 -19.10 6.44
CA LEU D 266 -1.03 -19.84 7.40
C LEU D 266 -2.26 -19.02 7.88
N PRO D 267 -3.48 -19.57 7.70
CA PRO D 267 -4.70 -18.88 8.21
C PRO D 267 -4.60 -18.60 9.71
N LYS D 268 -3.95 -19.50 10.44
CA LYS D 268 -3.72 -19.34 11.86
C LYS D 268 -2.32 -19.90 12.18
N PRO D 269 -1.67 -19.39 13.26
CA PRO D 269 -0.34 -19.90 13.56
C PRO D 269 -0.36 -21.40 13.86
N LEU D 270 0.65 -22.12 13.39
CA LEU D 270 0.72 -23.54 13.65
C LEU D 270 1.53 -23.87 14.90
N THR D 271 1.05 -24.85 15.66
CA THR D 271 1.82 -25.41 16.75
C THR D 271 2.18 -26.87 16.42
N LEU D 272 3.44 -27.19 16.51
CA LEU D 272 3.88 -28.60 16.30
C LEU D 272 4.32 -29.19 17.62
N ARG D 273 3.98 -30.46 17.80
CA ARG D 273 4.07 -31.13 19.11
C ARG D 273 4.73 -32.48 18.98
N TRP D 274 5.36 -32.93 20.08
CA TRP D 274 5.88 -34.27 20.15
C TRP D 274 4.90 -35.36 20.72
N GLU D 275 3.59 -35.17 20.62
CA GLU D 275 2.63 -36.26 20.98
C GLU D 275 1.38 -36.06 20.14
N MET E 1 37.54 -0.22 11.42
CA MET E 1 36.41 -0.42 10.51
C MET E 1 35.55 -1.60 10.99
N ILE E 2 34.23 -1.48 10.79
CA ILE E 2 33.25 -2.56 10.92
C ILE E 2 33.66 -3.83 10.18
N GLN E 3 33.69 -4.92 10.92
CA GLN E 3 33.77 -6.21 10.28
C GLN E 3 32.74 -7.16 10.89
N ARG E 4 32.06 -7.94 10.04
CA ARG E 4 31.04 -8.90 10.47
C ARG E 4 31.23 -10.29 9.87
N THR E 5 31.14 -11.32 10.71
CA THR E 5 31.48 -12.71 10.29
C THR E 5 30.38 -13.31 9.43
N PRO E 6 30.75 -14.00 8.33
CA PRO E 6 29.64 -14.66 7.58
C PRO E 6 29.04 -15.79 8.36
N LYS E 7 27.72 -15.87 8.31
CA LYS E 7 26.92 -17.02 8.82
C LYS E 7 26.81 -18.02 7.65
N ILE E 8 27.27 -19.25 7.83
CA ILE E 8 27.44 -20.12 6.65
C ILE E 8 26.45 -21.26 6.80
N GLN E 9 25.55 -21.44 5.82
CA GLN E 9 24.67 -22.61 5.78
C GLN E 9 24.87 -23.46 4.52
N VAL E 10 25.04 -24.79 4.66
CA VAL E 10 25.17 -25.69 3.51
C VAL E 10 24.03 -26.71 3.54
N TYR E 11 23.32 -26.87 2.42
CA TYR E 11 22.00 -27.53 2.43
C TYR E 11 21.57 -27.84 1.03
N SER E 12 20.70 -28.82 0.87
CA SER E 12 20.10 -29.05 -0.46
C SER E 12 18.80 -28.27 -0.63
N ARG E 13 18.45 -27.97 -1.89
CA ARG E 13 17.17 -27.36 -2.22
C ARG E 13 15.96 -28.17 -1.76
N HIS E 14 16.00 -29.48 -2.02
CA HIS E 14 14.93 -30.42 -1.76
C HIS E 14 15.48 -31.49 -0.85
N PRO E 15 14.60 -32.24 -0.10
CA PRO E 15 15.13 -33.37 0.68
C PRO E 15 15.97 -34.32 -0.18
N ALA E 16 17.16 -34.65 0.32
CA ALA E 16 18.13 -35.38 -0.45
C ALA E 16 17.67 -36.84 -0.56
N GLU E 17 17.81 -37.41 -1.75
CA GLU E 17 17.50 -38.81 -1.98
C GLU E 17 18.62 -39.34 -2.88
N ASN E 18 19.38 -40.35 -2.41
CA ASN E 18 20.47 -40.97 -3.18
C ASN E 18 20.03 -41.33 -4.62
N GLY E 19 20.74 -40.80 -5.62
CA GLY E 19 20.46 -41.07 -7.03
C GLY E 19 19.54 -40.05 -7.71
N LYS E 20 19.07 -39.06 -6.95
CA LYS E 20 18.12 -38.11 -7.51
C LYS E 20 18.70 -36.70 -7.60
N SER E 21 18.69 -36.10 -8.80
CA SER E 21 19.32 -34.75 -8.93
C SER E 21 18.67 -33.71 -8.03
N ASN E 22 19.49 -32.75 -7.60
CA ASN E 22 19.13 -31.83 -6.55
C ASN E 22 20.06 -30.63 -6.78
N PHE E 23 19.95 -29.62 -5.92
CA PHE E 23 20.87 -28.49 -5.94
C PHE E 23 21.51 -28.39 -4.57
N LEU E 24 22.83 -28.28 -4.57
CA LEU E 24 23.60 -28.04 -3.36
C LEU E 24 23.80 -26.52 -3.23
N ASN E 25 23.39 -25.97 -2.09
CA ASN E 25 23.53 -24.56 -1.73
C ASN E 25 24.51 -24.27 -0.62
N CYS E 26 25.19 -23.12 -0.71
CA CYS E 26 25.99 -22.58 0.39
C CYS E 26 25.60 -21.15 0.49
N TYR E 27 24.92 -20.83 1.57
CA TYR E 27 24.39 -19.51 1.72
C TYR E 27 25.27 -18.83 2.77
N VAL E 28 25.82 -17.68 2.40
CA VAL E 28 26.63 -16.88 3.33
C VAL E 28 25.92 -15.56 3.59
N SER E 29 25.72 -15.18 4.84
CA SER E 29 24.94 -13.96 5.10
C SER E 29 25.52 -13.24 6.29
N GLY E 30 25.11 -12.00 6.47
CA GLY E 30 25.49 -11.23 7.65
C GLY E 30 26.94 -10.73 7.70
N PHE E 31 27.61 -10.66 6.54
CA PHE E 31 29.05 -10.39 6.53
C PHE E 31 29.36 -8.95 6.09
N HIS E 32 30.53 -8.44 6.49
CA HIS E 32 31.02 -7.12 6.06
C HIS E 32 32.50 -7.13 6.36
N PRO E 33 33.36 -6.65 5.43
CA PRO E 33 33.13 -6.12 4.06
C PRO E 33 32.69 -7.21 3.05
N SER E 34 32.54 -6.83 1.77
CA SER E 34 31.91 -7.77 0.83
C SER E 34 32.82 -8.82 0.21
N ASP E 35 34.16 -8.63 0.29
CA ASP E 35 35.13 -9.51 -0.36
C ASP E 35 35.04 -10.81 0.41
N ILE E 36 34.81 -11.90 -0.31
CA ILE E 36 34.58 -13.20 0.33
C ILE E 36 34.90 -14.30 -0.69
N GLU E 37 35.43 -15.43 -0.20
CA GLU E 37 35.68 -16.54 -1.07
C GLU E 37 34.82 -17.69 -0.61
N VAL E 38 34.06 -18.26 -1.54
CA VAL E 38 33.15 -19.37 -1.22
C VAL E 38 33.37 -20.44 -2.27
N ASP E 39 33.64 -21.67 -1.83
CA ASP E 39 33.79 -22.80 -2.74
C ASP E 39 32.92 -23.93 -2.21
N LEU E 40 32.25 -24.60 -3.12
CA LEU E 40 31.61 -25.87 -2.78
C LEU E 40 32.64 -27.01 -3.04
N LEU E 41 32.71 -27.97 -2.11
CA LEU E 41 33.64 -29.07 -2.20
C LEU E 41 32.91 -30.41 -2.34
N LYS E 42 33.48 -31.30 -3.13
CA LYS E 42 33.00 -32.68 -3.26
C LYS E 42 34.19 -33.55 -2.94
N ASN E 43 34.05 -34.39 -1.89
CA ASN E 43 35.20 -35.08 -1.26
C ASN E 43 36.50 -34.25 -1.17
N GLY E 44 36.38 -33.06 -0.62
CA GLY E 44 37.52 -32.17 -0.47
C GLY E 44 37.92 -31.36 -1.69
N GLU E 45 37.38 -31.64 -2.88
CA GLU E 45 37.81 -30.98 -4.13
C GLU E 45 36.87 -29.87 -4.52
N ARG E 46 37.44 -28.74 -4.92
CA ARG E 46 36.66 -27.60 -5.39
C ARG E 46 35.82 -28.00 -6.60
N ILE E 47 34.52 -27.73 -6.54
CA ILE E 47 33.60 -27.94 -7.66
C ILE E 47 33.70 -26.71 -8.58
N GLU E 48 34.06 -26.90 -9.84
CA GLU E 48 34.25 -25.73 -10.74
C GLU E 48 33.00 -25.12 -11.38
N LYS E 49 31.93 -25.90 -11.53
CA LYS E 49 30.66 -25.40 -12.14
C LYS E 49 29.70 -24.85 -11.06
N VAL E 50 30.18 -23.83 -10.35
CA VAL E 50 29.40 -23.26 -9.26
C VAL E 50 28.96 -21.86 -9.62
N GLU E 51 27.66 -21.62 -9.60
CA GLU E 51 27.15 -20.27 -9.80
C GLU E 51 26.87 -19.56 -8.50
N HIS E 52 26.76 -18.25 -8.59
CA HIS E 52 26.33 -17.52 -7.41
C HIS E 52 25.39 -16.40 -7.72
N SER E 53 24.70 -15.95 -6.67
CA SER E 53 23.73 -14.86 -6.75
C SER E 53 24.45 -13.53 -6.86
N ASP E 54 23.69 -12.48 -7.17
CA ASP E 54 24.29 -11.17 -7.28
C ASP E 54 24.30 -10.56 -5.87
N LEU E 55 25.33 -9.78 -5.55
CA LEU E 55 25.57 -9.26 -4.20
C LEU E 55 24.43 -8.34 -3.81
N SER E 56 23.86 -8.65 -2.66
CA SER E 56 22.83 -7.82 -2.11
C SER E 56 23.06 -7.73 -0.60
N PHE E 57 22.15 -7.04 0.06
CA PHE E 57 22.28 -6.81 1.47
C PHE E 57 20.96 -6.64 2.22
N SER E 58 21.02 -6.87 3.53
CA SER E 58 19.87 -6.84 4.40
C SER E 58 19.76 -5.42 4.94
N LYS E 59 18.70 -5.21 5.73
CA LYS E 59 18.34 -3.92 6.31
C LYS E 59 19.49 -3.29 7.11
N ASP E 60 20.27 -4.13 7.79
CA ASP E 60 21.41 -3.68 8.60
C ASP E 60 22.71 -3.52 7.81
N TRP E 61 22.62 -3.48 6.47
CA TRP E 61 23.76 -3.33 5.55
C TRP E 61 24.67 -4.53 5.38
N SER E 62 24.39 -5.63 6.10
CA SER E 62 25.28 -6.76 5.99
C SER E 62 24.94 -7.58 4.70
N PHE E 63 25.96 -8.19 4.09
CA PHE E 63 25.83 -8.76 2.78
C PHE E 63 25.37 -10.21 2.83
N TYR E 64 24.69 -10.67 1.78
CA TYR E 64 24.41 -12.08 1.55
C TYR E 64 24.66 -12.56 0.09
N LEU E 65 25.01 -13.83 -0.04
CA LEU E 65 25.31 -14.45 -1.36
C LEU E 65 24.91 -15.94 -1.23
N LEU E 66 24.31 -16.45 -2.27
CA LEU E 66 24.02 -17.87 -2.36
C LEU E 66 24.92 -18.41 -3.45
N TYR E 67 25.68 -19.47 -3.14
CA TYR E 67 26.46 -20.21 -4.12
C TYR E 67 25.77 -21.54 -4.30
N TYR E 68 25.75 -22.06 -5.53
CA TYR E 68 24.93 -23.21 -5.81
C TYR E 68 25.39 -24.00 -7.00
N THR E 69 25.14 -25.32 -6.96
CA THR E 69 25.43 -26.18 -8.10
C THR E 69 24.45 -27.36 -8.13
N GLU E 70 24.17 -27.92 -9.31
CA GLU E 70 23.38 -29.17 -9.43
C GLU E 70 24.23 -30.30 -9.00
N PHE E 71 23.63 -31.25 -8.30
CA PHE E 71 24.34 -32.43 -7.85
C PHE E 71 23.35 -33.53 -7.65
N THR E 72 23.87 -34.74 -7.65
CA THR E 72 23.09 -35.92 -7.38
C THR E 72 23.79 -36.60 -6.19
N PRO E 73 23.18 -36.56 -4.98
CA PRO E 73 23.73 -37.12 -3.76
C PRO E 73 23.84 -38.64 -3.85
N THR E 74 24.91 -39.17 -3.29
CA THR E 74 25.05 -40.61 -3.16
C THR E 74 25.32 -40.90 -1.68
N GLU E 75 25.56 -42.16 -1.36
CA GLU E 75 25.83 -42.51 0.00
C GLU E 75 27.26 -42.12 0.38
N LYS E 76 28.19 -42.30 -0.55
CA LYS E 76 29.61 -42.13 -0.20
C LYS E 76 30.11 -40.68 -0.31
N ASP E 77 29.49 -39.88 -1.18
CA ASP E 77 30.07 -38.57 -1.52
C ASP E 77 29.83 -37.57 -0.42
N GLU E 78 30.90 -36.91 -0.01
CA GLU E 78 30.88 -35.90 1.03
C GLU E 78 30.91 -34.53 0.42
N TYR E 79 29.97 -33.66 0.82
CA TYR E 79 29.96 -32.29 0.36
C TYR E 79 30.23 -31.29 1.46
N ALA E 80 30.75 -30.12 1.08
CA ALA E 80 31.08 -29.10 2.06
C ALA E 80 31.21 -27.74 1.40
N CYS E 81 31.25 -26.71 2.21
CA CYS E 81 31.46 -25.36 1.69
C CYS E 81 32.67 -24.79 2.41
N ARG E 82 33.58 -24.13 1.70
CA ARG E 82 34.76 -23.57 2.35
C ARG E 82 34.66 -22.09 2.13
N VAL E 83 34.68 -21.32 3.22
CA VAL E 83 34.52 -19.90 3.16
C VAL E 83 35.72 -19.21 3.76
N ASN E 84 36.26 -18.19 3.09
CA ASN E 84 37.26 -17.32 3.69
C ASN E 84 36.81 -15.87 3.63
N HIS E 85 37.17 -15.14 4.67
CA HIS E 85 36.74 -13.75 4.85
C HIS E 85 37.73 -13.11 5.84
N VAL E 86 37.86 -11.78 5.85
CA VAL E 86 38.81 -11.15 6.81
C VAL E 86 38.48 -11.47 8.27
N THR E 87 37.22 -11.80 8.58
CA THR E 87 36.92 -12.10 9.98
C THR E 87 37.37 -13.51 10.44
N LEU E 88 37.85 -14.36 9.51
CA LEU E 88 38.19 -15.75 9.81
C LEU E 88 39.67 -15.91 9.79
N SER E 89 40.20 -16.48 10.87
CA SER E 89 41.66 -16.64 10.97
C SER E 89 42.22 -17.72 10.04
N GLN E 90 41.36 -18.62 9.60
CA GLN E 90 41.64 -19.58 8.50
C GLN E 90 40.29 -19.90 7.80
N PRO E 91 40.33 -20.47 6.55
CA PRO E 91 39.07 -20.89 5.95
C PRO E 91 38.19 -21.80 6.85
N LYS E 92 36.88 -21.52 6.87
CA LYS E 92 35.94 -22.30 7.69
C LYS E 92 35.29 -23.31 6.72
N ILE E 93 35.41 -24.59 7.04
CA ILE E 93 34.79 -25.64 6.26
C ILE E 93 33.50 -26.10 6.99
N VAL E 94 32.35 -26.00 6.34
CA VAL E 94 31.08 -26.48 6.93
C VAL E 94 30.62 -27.69 6.12
N LYS E 95 30.48 -28.84 6.76
CA LYS E 95 30.04 -30.06 6.08
C LYS E 95 28.53 -30.09 5.88
N TRP E 96 28.13 -30.61 4.71
CA TRP E 96 26.74 -30.83 4.36
C TRP E 96 26.27 -31.96 5.26
N ASP E 97 25.26 -31.70 6.08
CA ASP E 97 24.72 -32.72 6.94
C ASP E 97 23.30 -32.95 6.49
N ARG E 98 23.05 -34.11 5.88
CA ARG E 98 21.75 -34.35 5.26
C ARG E 98 20.65 -34.73 6.25
N ASP E 99 21.04 -35.13 7.44
CA ASP E 99 20.11 -35.65 8.43
C ASP E 99 19.62 -34.64 9.46
N MET E 100 19.71 -33.35 9.14
CA MET E 100 19.28 -32.33 10.14
C MET E 100 17.78 -32.13 10.23
N GLU F 1 11.48 0.76 -12.32
CA GLU F 1 12.49 1.73 -12.90
C GLU F 1 13.34 2.38 -11.86
N LEU F 2 14.62 2.52 -12.17
CA LEU F 2 15.52 3.38 -11.40
C LEU F 2 15.13 4.87 -11.48
N ALA F 3 15.46 5.62 -10.43
CA ALA F 3 15.43 7.10 -10.41
C ALA F 3 16.36 7.69 -11.45
C GIC F 4 21.53 9.41 -11.98
N1 GIC F 4 18.94 9.62 -11.90
O GIC F 4 22.36 8.80 -11.25
C1 GIC F 4 18.20 9.88 -12.96
N GIC F 4 16.03 8.90 -11.88
O1 GIC F 4 19.56 9.48 -9.68
C2 GIC F 4 16.68 9.69 -12.95
N2 GIC F 4 19.87 14.42 -10.14
C3 GIC F 4 18.89 10.04 -10.58
C4 GIC F 4 18.00 11.19 -10.09
C5 GIC F 4 18.70 12.52 -9.82
C6 GIC F 4 19.43 13.28 -10.74
C7 GIC F 4 19.46 14.43 -8.85
C8 GIC F 4 19.64 15.34 -7.80
C9 GIC F 4 19.08 15.10 -6.56
CC GIC F 4 20.16 8.82 -12.19
C10 GIC F 4 18.33 13.94 -6.36
C11 GIC F 4 18.15 13.01 -7.38
C12 GIC F 4 18.72 13.26 -8.63
C 3AZ F 5 23.52 13.74 -8.44
N 3AZ F 5 21.73 10.59 -12.54
O 3AZ F 5 24.09 14.79 -8.09
C1 3AZ F 5 23.10 12.52 -11.93
C2 3AZ F 5 23.27 12.50 -10.55
C3 3AZ F 5 23.31 13.72 -9.90
C4 3AZ F 5 23.20 14.90 -10.61
C5 3AZ F 5 23.03 14.91 -12.00
C6 3AZ F 5 22.98 13.70 -12.66
CN 3AZ F 5 23.06 11.20 -12.63
N LEU F 6 22.89 13.01 -7.56
CA LEU F 6 23.02 13.16 -6.15
C LEU F 6 24.39 12.66 -5.70
N THR F 7 25.11 13.47 -4.97
CA THR F 7 26.39 13.02 -4.44
C THR F 7 26.53 13.48 -3.00
N VAL F 8 27.26 12.71 -2.19
CA VAL F 8 27.40 13.02 -0.76
C VAL F 8 28.32 14.24 -0.50
C1 GOL G . -15.29 31.09 -0.53
O1 GOL G . -16.32 31.40 0.39
C2 GOL G . -15.92 30.36 -1.71
O2 GOL G . -14.93 29.82 -2.56
C3 GOL G . -16.89 29.35 -1.09
O3 GOL G . -16.54 27.99 -1.04
C1 GOL H . -17.37 8.09 -3.10
C1 GOL H . -15.72 9.06 -4.28
O1 GOL H . -17.51 6.74 -2.69
O1 GOL H . -16.13 10.24 -4.98
C2 GOL H . -17.30 8.31 -4.61
C2 GOL H . -16.08 7.91 -5.18
O2 GOL H . -18.44 7.83 -5.30
O2 GOL H . -16.35 8.46 -6.44
C3 GOL H . -16.02 7.76 -5.23
C3 GOL H . -14.91 6.92 -5.25
O3 GOL H . -16.28 6.50 -5.84
O3 GOL H . -15.40 5.71 -5.78
C1 GOL I . -17.43 28.61 3.47
O1 GOL I . -16.87 28.71 2.21
C2 GOL I . -17.05 27.25 3.97
O2 GOL I . -15.75 27.22 4.46
C3 GOL I . -18.06 26.57 4.89
O3 GOL I . -17.61 25.37 5.48
C1 GOL J . -8.88 40.94 10.43
O1 GOL J . -9.55 39.94 11.18
C2 GOL J . -7.42 40.54 10.17
O2 GOL J . -7.06 39.23 10.56
C3 GOL J . -6.85 41.05 8.85
O3 GOL J . -5.68 40.34 8.49
C1 GOL K . -17.74 -3.89 -23.77
O1 GOL K . -17.53 -5.19 -24.24
C2 GOL K . -17.59 -2.94 -24.93
O2 GOL K . -16.36 -3.29 -25.56
C3 GOL K . -17.33 -1.59 -24.29
O3 GOL K . -17.00 -0.68 -25.31
C1 GOL L . -26.60 -18.12 -5.51
O1 GOL L . -25.85 -17.15 -6.24
C2 GOL L . -27.26 -17.56 -4.24
O2 GOL L . -27.05 -16.16 -4.07
C3 GOL L . -26.76 -18.37 -3.03
O3 GOL L . -26.50 -17.55 -1.91
C1 GOL M . 13.78 -7.07 0.68
O1 GOL M . 13.91 -6.00 -0.23
C2 GOL M . 14.13 -8.24 -0.21
O2 GOL M . 15.25 -7.92 -1.01
C3 GOL M . 14.55 -9.41 0.62
O3 GOL M . 14.66 -10.43 -0.33
C1 GOL N . 35.18 13.09 10.76
O1 GOL N . 33.94 13.79 10.88
C2 GOL N . 36.37 14.03 10.72
O2 GOL N . 36.43 14.79 11.92
C3 GOL N . 37.67 13.21 10.67
O3 GOL N . 38.75 14.10 10.88
C1 GOL O . 15.56 -30.52 2.93
O1 GOL O . 14.37 -30.03 2.40
C2 GOL O . 16.52 -29.42 2.67
O2 GOL O . 15.90 -28.15 2.68
C3 GOL O . 17.47 -29.34 3.80
O3 GOL O . 18.15 -28.28 3.21
C1 GOL P . 24.36 18.18 -3.63
O1 GOL P . 25.37 17.41 -2.98
C2 GOL P . 23.60 17.41 -4.71
O2 GOL P . 24.24 16.25 -5.20
C3 GOL P . 23.26 18.31 -5.90
O3 GOL P . 22.44 17.54 -6.77
#